data_8E0W
#
_entry.id   8E0W
#
_cell.length_a   50.344
_cell.length_b   65.599
_cell.length_c   79.686
_cell.angle_alpha   74.500
_cell.angle_beta   76.820
_cell.angle_gamma   72.230
#
_symmetry.space_group_name_H-M   'P 1'
#
loop_
_entity.id
_entity.type
_entity.pdbx_description
1 polymer 'Protein APCDD1'
2 non-polymer 2-acetamido-2-deoxy-beta-D-glucopyranose
3 non-polymer GLYCEROL
4 non-polymer 'CHLORIDE ION'
5 water water
#
_entity_poly.entity_id   1
_entity_poly.type   'polypeptide(L)'
_entity_poly.pdbx_seq_one_letter_code
;ETGLLHPDSRSHPRSLEKSAWRAFKESQCHHMLKHLHNGARITVQMPPTIEGHWVSTGCEVRSGPEFMTRSYRFYNNNTF
KAYQFYYGSNRCTNPTYTLIIRGKIRLRQASWIIRGGTEADYQLHGVQVICHTEAVAEQLSRLVNRTCPGFLAPGGPWVQ
DVAYDLWQEESNHECTKAVNFAMHELQLIRVEKQYPHHSLDHLVEELFLGDIHTDATQRVFYRPSSYQPPLQNAKNHNHA
CIACRIIFRSDEHHPPILPPKADLTIGLHGEWVSQRCEVRPEVLFLTRHFIFHDNNNTWEGHYYHYSDPVCKHPTFTIYA
RGRYSRGVLSSKVMGGTEFVFKVNHMKVTPMDAATASLLNVFSGNECGAEGSWQVGIQQDVTHTNGCVALGIKLPHTEYE
IFKMEQDTRGRYLLFNGQRPSDGSSPDRPEKRATSYQMPLVQCASSSPRAEELLEDSQGTHHHHHHHH
;
_entity_poly.pdbx_strand_id   A,B
#
loop_
_chem_comp.id
_chem_comp.type
_chem_comp.name
_chem_comp.formula
CL non-polymer 'CHLORIDE ION' 'Cl -1'
GOL non-polymer GLYCEROL 'C3 H8 O3'
NAG D-saccharide, beta linking 2-acetamido-2-deoxy-beta-D-glucopyranose 'C8 H15 N O6'
#
# COMPACT_ATOMS: atom_id res chain seq x y z
N SER A 27 3.14 20.54 10.48
CA SER A 27 3.03 19.13 10.87
C SER A 27 2.84 18.98 12.38
N GLN A 28 3.12 20.06 13.12
CA GLN A 28 2.93 20.07 14.56
C GLN A 28 1.46 19.91 14.91
N CYS A 29 1.21 19.21 16.02
CA CYS A 29 -0.17 18.87 16.39
C CYS A 29 -1.04 20.11 16.51
N HIS A 30 -0.55 21.17 17.15
CA HIS A 30 -1.37 22.38 17.24
C HIS A 30 -1.69 22.97 15.88
N HIS A 31 -0.70 23.01 14.97
CA HIS A 31 -0.96 23.54 13.64
C HIS A 31 -2.02 22.71 12.91
N MET A 32 -1.92 21.38 13.01
CA MET A 32 -2.88 20.53 12.32
C MET A 32 -4.27 20.59 12.94
N LEU A 33 -4.37 20.94 14.23
CA LEU A 33 -5.67 21.12 14.85
C LEU A 33 -6.28 22.48 14.52
N LYS A 34 -5.45 23.48 14.21
CA LYS A 34 -5.95 24.77 13.78
C LYS A 34 -6.31 24.78 12.30
N HIS A 35 -5.67 23.93 11.50
CA HIS A 35 -5.90 23.82 10.06
C HIS A 35 -6.26 22.37 9.76
N LEU A 36 -7.50 22.02 10.03
CA LEU A 36 -7.95 20.66 9.83
C LEU A 36 -7.88 20.29 8.35
N HIS A 37 -7.67 19.01 8.11
CA HIS A 37 -7.67 18.43 6.76
C HIS A 37 -6.69 19.15 5.84
N ASN A 38 -5.44 19.26 6.30
CA ASN A 38 -4.36 19.86 5.46
C ASN A 38 -4.64 21.32 5.10
N GLY A 39 -5.43 22.02 5.91
CA GLY A 39 -5.68 23.46 5.68
C GLY A 39 -6.65 23.72 4.56
N ALA A 40 -7.30 22.67 4.07
CA ALA A 40 -8.22 22.81 2.93
C ALA A 40 -9.42 23.66 3.31
N ARG A 41 -9.92 24.42 2.33
CA ARG A 41 -11.14 25.23 2.57
C ARG A 41 -12.35 24.45 2.09
N ILE A 42 -13.44 24.51 2.85
CA ILE A 42 -14.64 23.79 2.46
C ILE A 42 -15.76 24.79 2.21
N THR A 43 -16.49 24.59 1.13
CA THR A 43 -17.73 25.32 0.87
C THR A 43 -18.85 24.29 0.94
N VAL A 44 -19.86 24.59 1.76
CA VAL A 44 -21.04 23.75 1.89
C VAL A 44 -22.21 24.47 1.24
N GLN A 45 -22.76 23.90 0.18
CA GLN A 45 -23.97 24.43 -0.44
C GLN A 45 -25.16 23.77 0.23
N MET A 46 -25.98 24.56 0.92
CA MET A 46 -27.23 24.05 1.47
C MET A 46 -28.41 24.72 0.81
N PRO A 47 -29.37 23.96 0.26
CA PRO A 47 -29.37 22.50 0.10
C PRO A 47 -28.31 21.98 -0.89
N PRO A 48 -27.81 20.77 -0.65
CA PRO A 48 -26.72 20.23 -1.45
C PRO A 48 -27.18 19.70 -2.81
N THR A 49 -26.21 19.60 -3.73
CA THR A 49 -26.42 18.96 -5.03
C THR A 49 -25.75 17.60 -4.98
N ILE A 50 -26.57 16.54 -4.99
CA ILE A 50 -26.06 15.20 -4.85
C ILE A 50 -26.00 14.45 -6.17
N GLU A 51 -26.34 15.11 -7.27
CA GLU A 51 -26.31 14.44 -8.55
C GLU A 51 -24.89 14.06 -8.92
N GLY A 52 -24.69 12.79 -9.26
CA GLY A 52 -23.38 12.31 -9.63
C GLY A 52 -23.12 10.90 -9.14
N HIS A 53 -21.92 10.41 -9.45
CA HIS A 53 -21.47 9.09 -9.02
C HIS A 53 -20.53 9.27 -7.83
N TRP A 54 -20.92 8.71 -6.68
CA TRP A 54 -20.16 8.83 -5.45
C TRP A 54 -19.65 7.46 -5.02
N VAL A 55 -18.39 7.42 -4.62
CA VAL A 55 -17.66 6.19 -4.42
C VAL A 55 -16.86 6.24 -3.12
N SER A 56 -16.66 5.07 -2.52
CA SER A 56 -15.84 4.95 -1.32
C SER A 56 -14.36 5.18 -1.63
N THR A 57 -13.61 5.55 -0.60
CA THR A 57 -12.17 5.79 -0.73
C THR A 57 -11.33 4.68 -0.13
N GLY A 58 -11.96 3.60 0.33
CA GLY A 58 -11.21 2.51 0.92
C GLY A 58 -12.18 1.45 1.39
N CYS A 59 -11.64 0.44 2.08
CA CYS A 59 -12.47 -0.63 2.62
C CYS A 59 -13.13 -0.13 3.90
N GLU A 60 -14.44 0.10 3.87
CA GLU A 60 -15.12 0.67 5.02
C GLU A 60 -15.52 -0.44 5.98
N VAL A 61 -15.59 -0.10 7.26
CA VAL A 61 -16.01 -1.03 8.28
C VAL A 61 -17.29 -0.49 8.89
N ARG A 62 -18.39 -1.19 8.67
CA ARG A 62 -19.59 -0.99 9.46
C ARG A 62 -19.58 -1.96 10.62
N SER A 63 -20.31 -1.57 11.68
CA SER A 63 -20.43 -2.42 12.85
C SER A 63 -20.93 -3.80 12.47
N GLY A 64 -20.43 -4.83 13.17
CA GLY A 64 -20.69 -6.20 12.83
C GLY A 64 -19.58 -7.16 13.26
N PRO A 65 -18.42 -7.12 12.57
CA PRO A 65 -18.04 -6.18 11.51
C PRO A 65 -18.60 -6.55 10.15
N GLU A 66 -18.78 -5.52 9.33
CA GLU A 66 -19.18 -5.63 7.93
C GLU A 66 -18.15 -4.84 7.14
N PHE A 67 -17.42 -5.53 6.27
CA PHE A 67 -16.41 -4.90 5.42
C PHE A 67 -17.03 -4.59 4.06
N MET A 68 -17.02 -3.33 3.65
CA MET A 68 -17.77 -2.99 2.45
C MET A 68 -17.22 -1.74 1.79
N THR A 69 -17.67 -1.53 0.54
CA THR A 69 -17.45 -0.32 -0.22
C THR A 69 -18.79 0.09 -0.86
N ARG A 70 -18.90 1.36 -1.21
CA ARG A 70 -20.14 1.93 -1.73
C ARG A 70 -19.93 2.55 -3.08
N SER A 71 -20.93 2.42 -3.95
CA SER A 71 -20.95 3.07 -5.25
C SER A 71 -22.37 3.59 -5.45
N TYR A 72 -22.58 4.89 -5.27
CA TYR A 72 -23.91 5.49 -5.23
C TYR A 72 -24.07 6.46 -6.40
N ARG A 73 -25.09 6.24 -7.21
CA ARG A 73 -25.45 7.14 -8.31
C ARG A 73 -26.76 7.82 -7.94
N PHE A 74 -26.75 9.15 -8.00
CA PHE A 74 -27.98 9.94 -7.78
C PHE A 74 -28.27 10.66 -9.10
N TYR A 75 -29.46 10.42 -9.67
CA TYR A 75 -29.80 10.99 -10.99
C TYR A 75 -30.61 12.28 -10.85
N ASN A 76 -30.70 13.06 -11.93
CA ASN A 76 -31.46 14.34 -11.93
C ASN A 76 -32.94 14.08 -11.66
N ASN A 77 -33.42 12.87 -11.93
CA ASN A 77 -34.83 12.48 -11.69
C ASN A 77 -35.05 12.22 -10.20
N ASN A 78 -34.10 12.61 -9.34
CA ASN A 78 -34.18 12.35 -7.88
C ASN A 78 -34.33 10.84 -7.66
N THR A 79 -33.73 10.04 -8.54
CA THR A 79 -33.77 8.57 -8.39
C THR A 79 -32.36 8.09 -8.00
N PHE A 80 -32.24 6.86 -7.50
CA PHE A 80 -30.89 6.43 -7.05
C PHE A 80 -30.61 4.96 -7.30
N LYS A 81 -29.38 4.67 -7.69
CA LYS A 81 -28.89 3.30 -7.76
C LYS A 81 -27.66 3.21 -6.88
N ALA A 82 -27.74 2.40 -5.82
CA ALA A 82 -26.69 2.27 -4.83
C ALA A 82 -26.20 0.84 -4.82
N TYR A 83 -24.90 0.66 -5.00
CA TYR A 83 -24.25 -0.61 -4.81
C TYR A 83 -23.63 -0.63 -3.43
N GLN A 84 -23.81 -1.74 -2.72
CA GLN A 84 -23.09 -2.00 -1.49
C GLN A 84 -22.38 -3.31 -1.70
N PHE A 85 -21.07 -3.25 -1.91
CA PHE A 85 -20.24 -4.43 -2.10
C PHE A 85 -19.74 -4.86 -0.75
N TYR A 86 -19.98 -6.11 -0.37
CA TYR A 86 -19.52 -6.66 0.89
C TYR A 86 -18.41 -7.68 0.66
N TYR A 87 -17.54 -7.81 1.66
CA TYR A 87 -16.34 -8.62 1.53
C TYR A 87 -16.13 -9.45 2.78
N GLY A 88 -15.24 -10.44 2.69
CA GLY A 88 -14.98 -11.29 3.83
C GLY A 88 -13.84 -10.85 4.73
N SER A 89 -13.09 -9.82 4.33
CA SER A 89 -11.89 -9.39 5.04
C SER A 89 -11.81 -7.87 5.06
N ASN A 90 -10.97 -7.35 5.96
CA ASN A 90 -10.79 -5.93 6.14
C ASN A 90 -10.06 -5.27 4.98
N ARG A 91 -9.53 -6.05 4.04
CA ARG A 91 -8.77 -5.51 2.92
C ARG A 91 -9.63 -5.35 1.68
N CYS A 92 -10.85 -5.88 1.70
CA CYS A 92 -11.79 -5.81 0.58
C CYS A 92 -11.20 -6.44 -0.68
N THR A 93 -10.68 -7.65 -0.54
CA THR A 93 -10.08 -8.37 -1.66
C THR A 93 -10.88 -9.59 -2.12
N ASN A 94 -11.87 -10.04 -1.36
CA ASN A 94 -12.64 -11.24 -1.69
C ASN A 94 -14.11 -10.92 -1.51
N PRO A 95 -14.79 -10.46 -2.55
CA PRO A 95 -16.20 -10.09 -2.44
C PRO A 95 -17.06 -11.27 -1.99
N THR A 96 -17.97 -11.00 -1.06
CA THR A 96 -18.90 -12.04 -0.65
C THR A 96 -20.26 -11.89 -1.32
N TYR A 97 -20.94 -10.77 -1.08
CA TYR A 97 -22.20 -10.51 -1.75
C TYR A 97 -22.31 -9.02 -2.01
N THR A 98 -23.21 -8.65 -2.91
CA THR A 98 -23.41 -7.25 -3.28
C THR A 98 -24.90 -6.94 -3.28
N LEU A 99 -25.26 -5.80 -2.69
CA LEU A 99 -26.64 -5.31 -2.71
C LEU A 99 -26.77 -4.20 -3.74
N ILE A 100 -27.82 -4.29 -4.57
CA ILE A 100 -28.17 -3.24 -5.52
C ILE A 100 -29.47 -2.63 -5.04
N ILE A 101 -29.41 -1.38 -4.59
CA ILE A 101 -30.53 -0.70 -3.97
C ILE A 101 -30.98 0.43 -4.87
N ARG A 102 -32.26 0.40 -5.27
CA ARG A 102 -32.84 1.38 -6.15
C ARG A 102 -33.99 2.09 -5.45
N GLY A 103 -34.14 3.38 -5.73
CA GLY A 103 -35.22 4.12 -5.12
C GLY A 103 -35.20 5.58 -5.52
N LYS A 104 -35.92 6.39 -4.74
CA LYS A 104 -36.01 7.84 -4.99
C LYS A 104 -35.64 8.59 -3.73
N ILE A 105 -35.07 9.78 -3.89
CA ILE A 105 -34.72 10.62 -2.72
C ILE A 105 -35.39 11.99 -2.85
N ARG A 106 -35.80 12.57 -1.73
CA ARG A 106 -36.41 13.90 -1.69
C ARG A 106 -35.73 14.73 -0.60
N LEU A 107 -34.99 15.77 -1.00
CA LEU A 107 -34.38 16.65 -0.02
C LEU A 107 -35.45 17.47 0.68
N ARG A 108 -35.42 17.50 2.00
CA ARG A 108 -36.33 18.30 2.79
C ARG A 108 -35.58 19.54 3.31
N GLN A 109 -35.67 19.88 4.58
CA GLN A 109 -35.09 21.11 5.10
C GLN A 109 -33.80 20.81 5.84
N ALA A 110 -33.09 21.88 6.18
CA ALA A 110 -31.82 21.76 6.89
C ALA A 110 -32.06 21.21 8.29
N SER A 111 -31.18 20.29 8.72
CA SER A 111 -31.35 19.70 10.03
C SER A 111 -31.13 20.75 11.11
N TRP A 112 -31.99 20.71 12.13
CA TRP A 112 -31.75 21.49 13.35
C TRP A 112 -31.01 20.68 14.39
N ILE A 113 -31.07 19.36 14.27
CA ILE A 113 -30.31 18.46 15.18
C ILE A 113 -28.83 18.56 14.80
N ILE A 114 -28.50 18.31 13.54
CA ILE A 114 -27.08 18.33 13.09
C ILE A 114 -26.89 19.55 12.19
N ARG A 115 -26.28 20.60 12.74
CA ARG A 115 -26.03 21.85 11.96
C ARG A 115 -25.08 21.52 10.82
N GLY A 116 -25.43 21.95 9.61
CA GLY A 116 -24.67 21.64 8.43
C GLY A 116 -25.24 20.48 7.63
N GLY A 117 -26.15 19.71 8.21
CA GLY A 117 -26.77 18.59 7.55
C GLY A 117 -28.12 18.97 6.99
N THR A 118 -28.52 18.28 5.93
CA THR A 118 -29.84 18.43 5.35
C THR A 118 -30.62 17.13 5.50
N GLU A 119 -31.82 17.22 6.05
CA GLU A 119 -32.67 16.06 6.15
C GLU A 119 -33.25 15.71 4.77
N ALA A 120 -33.48 14.41 4.57
CA ALA A 120 -34.07 13.94 3.32
C ALA A 120 -34.98 12.78 3.61
N ASP A 121 -35.90 12.55 2.68
CA ASP A 121 -36.78 11.40 2.74
C ASP A 121 -36.50 10.55 1.51
N TYR A 122 -36.67 9.25 1.66
CA TYR A 122 -36.36 8.36 0.56
C TYR A 122 -37.43 7.30 0.43
N GLN A 123 -37.54 6.80 -0.80
CA GLN A 123 -38.18 5.53 -1.03
C GLN A 123 -37.44 4.50 -1.87
N LEU A 124 -37.28 3.35 -1.22
CA LEU A 124 -36.79 2.12 -1.78
C LEU A 124 -37.83 1.57 -2.75
N HIS A 125 -37.31 1.02 -3.82
CA HIS A 125 -38.12 0.44 -4.87
C HIS A 125 -37.63 -0.93 -5.20
N GLY A 126 -36.41 -1.27 -4.81
CA GLY A 126 -35.88 -2.60 -5.00
C GLY A 126 -34.57 -2.75 -4.27
N VAL A 127 -34.38 -3.95 -3.77
CA VAL A 127 -33.14 -4.40 -3.18
C VAL A 127 -32.84 -5.73 -3.84
N GLN A 128 -31.78 -5.79 -4.62
CA GLN A 128 -31.33 -7.04 -5.20
C GLN A 128 -30.05 -7.48 -4.50
N VAL A 129 -29.83 -8.78 -4.50
CA VAL A 129 -28.61 -9.35 -3.95
C VAL A 129 -28.00 -10.28 -4.99
N ILE A 130 -26.69 -10.18 -5.15
CA ILE A 130 -25.90 -11.11 -5.95
C ILE A 130 -24.84 -11.71 -5.04
N CYS A 131 -24.77 -13.03 -4.98
CA CYS A 131 -23.69 -13.71 -4.26
C CYS A 131 -22.53 -14.00 -5.21
N HIS A 132 -21.31 -13.87 -4.71
CA HIS A 132 -20.14 -13.96 -5.57
C HIS A 132 -19.36 -15.25 -5.42
N THR A 133 -19.64 -16.05 -4.38
CA THR A 133 -19.08 -17.38 -4.22
C THR A 133 -20.21 -18.38 -3.97
N GLU A 134 -19.96 -19.65 -4.33
CA GLU A 134 -20.98 -20.67 -4.10
C GLU A 134 -21.23 -20.86 -2.61
N ALA A 135 -20.20 -20.64 -1.78
CA ALA A 135 -20.39 -20.79 -0.34
C ALA A 135 -21.30 -19.71 0.21
N VAL A 136 -21.15 -18.47 -0.28
CA VAL A 136 -22.05 -17.39 0.14
C VAL A 136 -23.45 -17.61 -0.41
N ALA A 137 -23.55 -18.07 -1.67
CA ALA A 137 -24.86 -18.35 -2.24
C ALA A 137 -25.62 -19.33 -1.36
N GLU A 138 -24.92 -20.34 -0.84
CA GLU A 138 -25.56 -21.34 0.01
C GLU A 138 -25.93 -20.75 1.36
N GLN A 139 -24.99 -20.06 2.03
CA GLN A 139 -25.28 -19.49 3.34
C GLN A 139 -26.42 -18.49 3.28
N LEU A 140 -26.38 -17.60 2.28
CA LEU A 140 -27.39 -16.54 2.20
C LEU A 140 -28.77 -17.10 1.88
N SER A 141 -28.86 -17.99 0.90
CA SER A 141 -30.17 -18.56 0.56
C SER A 141 -30.78 -19.27 1.76
N ARG A 142 -29.95 -20.03 2.50
CA ARG A 142 -30.44 -20.72 3.69
C ARG A 142 -30.92 -19.73 4.74
N LEU A 143 -30.13 -18.67 4.97
CA LEU A 143 -30.49 -17.70 6.00
C LEU A 143 -31.77 -16.96 5.63
N VAL A 144 -31.87 -16.49 4.38
CA VAL A 144 -33.11 -15.84 3.96
C VAL A 144 -34.30 -16.77 4.13
N ASN A 145 -34.14 -18.05 3.74
CA ASN A 145 -35.22 -19.01 3.90
C ASN A 145 -35.55 -19.25 5.37
N ARG A 146 -34.53 -19.25 6.24
CA ARG A 146 -34.76 -19.37 7.68
C ARG A 146 -35.45 -18.13 8.23
N THR A 147 -35.03 -16.94 7.80
CA THR A 147 -35.62 -15.70 8.30
C THR A 147 -37.05 -15.52 7.79
N CYS A 148 -37.27 -15.78 6.50
CA CYS A 148 -38.56 -15.59 5.83
C CYS A 148 -38.92 -16.93 5.21
N PRO A 149 -39.59 -17.81 5.97
CA PRO A 149 -39.79 -19.21 5.54
C PRO A 149 -40.32 -19.41 4.12
N GLY A 150 -41.11 -18.52 3.56
CA GLY A 150 -41.62 -18.80 2.23
C GLY A 150 -40.85 -18.24 1.04
N PHE A 151 -39.81 -17.42 1.28
CA PHE A 151 -39.14 -16.68 0.21
C PHE A 151 -38.73 -17.56 -0.98
N LEU A 152 -38.10 -18.69 -0.71
CA LEU A 152 -37.54 -19.53 -1.75
C LEU A 152 -38.51 -20.66 -2.10
N ALA A 153 -38.51 -21.04 -3.38
CA ALA A 153 -39.30 -22.15 -3.89
C ALA A 153 -38.68 -23.48 -3.43
N PRO A 154 -39.41 -24.60 -3.57
CA PRO A 154 -38.93 -25.86 -2.97
C PRO A 154 -37.58 -26.37 -3.44
N GLY A 155 -37.33 -26.44 -4.74
CA GLY A 155 -36.10 -27.06 -5.19
C GLY A 155 -35.08 -26.12 -5.78
N GLY A 156 -35.08 -24.86 -5.34
CA GLY A 156 -34.29 -23.85 -5.99
C GLY A 156 -33.42 -22.98 -5.09
N PRO A 157 -32.28 -23.50 -4.66
CA PRO A 157 -31.33 -22.68 -3.89
C PRO A 157 -30.70 -21.62 -4.78
N TRP A 158 -30.27 -20.53 -4.15
CA TRP A 158 -29.61 -19.47 -4.91
C TRP A 158 -28.27 -19.95 -5.44
N VAL A 159 -27.92 -19.50 -6.65
CA VAL A 159 -26.62 -19.79 -7.22
C VAL A 159 -25.87 -18.46 -7.33
N GLN A 160 -24.56 -18.56 -7.50
CA GLN A 160 -23.75 -17.36 -7.54
C GLN A 160 -23.93 -16.62 -8.87
N ASP A 161 -23.63 -15.31 -8.84
CA ASP A 161 -23.65 -14.42 -10.00
C ASP A 161 -25.05 -14.20 -10.57
N VAL A 162 -26.11 -14.45 -9.80
CA VAL A 162 -27.48 -14.20 -10.20
C VAL A 162 -28.07 -13.15 -9.25
N ALA A 163 -28.72 -12.14 -9.82
CA ALA A 163 -29.38 -11.12 -9.01
C ALA A 163 -30.69 -11.65 -8.48
N TYR A 164 -30.93 -11.47 -7.18
CA TYR A 164 -32.13 -11.95 -6.53
C TYR A 164 -32.83 -10.80 -5.83
N ASP A 165 -34.15 -10.71 -6.01
CA ASP A 165 -34.94 -9.65 -5.37
C ASP A 165 -35.12 -9.98 -3.89
N LEU A 166 -34.66 -9.08 -3.03
CA LEU A 166 -34.90 -9.19 -1.60
C LEU A 166 -36.10 -8.37 -1.17
N TRP A 167 -36.37 -7.29 -1.89
CA TRP A 167 -37.49 -6.41 -1.65
C TRP A 167 -38.33 -6.58 -2.91
N GLN A 168 -39.27 -7.52 -2.85
CA GLN A 168 -40.24 -7.71 -3.91
C GLN A 168 -41.39 -6.79 -3.51
N GLU A 169 -41.56 -5.70 -4.27
CA GLU A 169 -42.48 -4.66 -3.83
C GLU A 169 -43.93 -5.07 -3.96
N GLU A 170 -44.37 -5.39 -5.17
CA GLU A 170 -45.79 -5.63 -5.40
C GLU A 170 -46.26 -7.01 -4.93
N SER A 171 -45.43 -7.77 -4.24
CA SER A 171 -45.89 -8.93 -3.48
C SER A 171 -46.03 -8.63 -2.00
N ASN A 172 -45.62 -7.43 -1.57
CA ASN A 172 -45.65 -7.00 -0.17
C ASN A 172 -44.88 -7.97 0.71
N HIS A 173 -43.93 -8.68 0.11
CA HIS A 173 -43.08 -9.63 0.82
C HIS A 173 -41.63 -9.21 0.61
N GLU A 174 -40.89 -9.01 1.71
CA GLU A 174 -39.48 -8.67 1.62
C GLU A 174 -38.73 -9.40 2.71
N CYS A 175 -37.42 -9.50 2.55
CA CYS A 175 -36.59 -10.19 3.51
C CYS A 175 -35.27 -9.45 3.72
N THR A 176 -35.31 -8.12 3.71
CA THR A 176 -34.10 -7.36 4.02
C THR A 176 -33.63 -7.60 5.44
N LYS A 177 -34.52 -8.11 6.30
CA LYS A 177 -34.16 -8.43 7.68
C LYS A 177 -33.06 -9.47 7.76
N ALA A 178 -32.94 -10.34 6.74
CA ALA A 178 -31.90 -11.37 6.74
C ALA A 178 -30.51 -10.76 6.79
N VAL A 179 -30.29 -9.67 6.08
CA VAL A 179 -29.03 -8.97 6.14
C VAL A 179 -29.09 -7.73 7.04
N ASN A 180 -30.14 -7.60 7.85
CA ASN A 180 -30.38 -6.41 8.68
C ASN A 180 -30.17 -5.12 7.88
N PHE A 181 -30.84 -5.02 6.74
CA PHE A 181 -30.61 -3.92 5.83
C PHE A 181 -31.51 -2.75 6.15
N ALA A 182 -30.95 -1.54 6.11
CA ALA A 182 -31.72 -0.32 6.17
C ALA A 182 -30.97 0.74 5.38
N MET A 183 -31.72 1.69 4.82
CA MET A 183 -31.14 2.74 4.00
C MET A 183 -31.33 4.12 4.62
N HIS A 184 -31.47 4.18 5.95
CA HIS A 184 -31.71 5.46 6.61
C HIS A 184 -30.52 6.39 6.55
N GLU A 185 -29.37 5.92 6.07
CA GLU A 185 -28.26 6.82 5.84
C GLU A 185 -28.63 7.94 4.89
N LEU A 186 -29.64 7.72 4.04
CA LEU A 186 -30.00 8.72 3.06
C LEU A 186 -30.88 9.83 3.65
N GLN A 187 -31.12 9.82 4.96
CA GLN A 187 -31.95 10.85 5.58
C GLN A 187 -31.15 12.04 6.10
N LEU A 188 -29.82 11.94 6.13
CA LEU A 188 -28.96 13.03 6.57
C LEU A 188 -27.86 13.19 5.52
N ILE A 189 -27.74 14.39 4.94
CA ILE A 189 -26.91 14.60 3.76
C ILE A 189 -26.15 15.91 3.90
N ARG A 190 -24.86 15.86 3.55
CA ARG A 190 -23.99 17.02 3.52
C ARG A 190 -22.96 16.81 2.42
N VAL A 191 -22.82 17.78 1.53
CA VAL A 191 -21.78 17.79 0.49
C VAL A 191 -20.78 18.89 0.83
N GLU A 192 -19.51 18.53 0.98
CA GLU A 192 -18.45 19.48 1.23
C GLU A 192 -17.57 19.58 -0.02
N LYS A 193 -17.37 20.79 -0.51
CA LYS A 193 -16.43 21.05 -1.60
C LYS A 193 -15.11 21.50 -0.99
N GLN A 194 -14.11 20.64 -1.15
CA GLN A 194 -12.80 20.87 -0.50
C GLN A 194 -11.79 21.33 -1.52
N TYR A 195 -11.04 22.36 -1.16
CA TYR A 195 -10.00 22.89 -2.07
C TYR A 195 -8.69 23.05 -1.31
N PRO A 196 -7.57 22.46 -1.78
CA PRO A 196 -6.29 22.70 -1.17
C PRO A 196 -5.88 24.13 -1.49
N HIS A 197 -5.49 24.90 -0.48
CA HIS A 197 -5.12 26.34 -0.68
C HIS A 197 -6.34 27.18 -1.03
N HIS A 198 -6.25 28.50 -0.83
CA HIS A 198 -7.36 29.41 -1.20
C HIS A 198 -7.38 29.56 -2.73
N SER A 199 -7.90 28.55 -3.42
CA SER A 199 -7.96 28.55 -4.90
C SER A 199 -9.17 27.74 -5.34
N LEU A 200 -9.47 27.74 -6.64
CA LEU A 200 -10.61 26.95 -7.16
C LEU A 200 -10.07 25.68 -7.83
N ASP A 201 -8.83 25.29 -7.52
CA ASP A 201 -8.21 24.13 -8.20
C ASP A 201 -8.23 22.88 -7.32
N HIS A 202 -7.97 21.72 -7.92
CA HIS A 202 -7.92 20.43 -7.23
C HIS A 202 -9.13 20.25 -6.30
N LEU A 203 -10.33 20.48 -6.86
CA LEU A 203 -11.56 20.36 -6.09
C LEU A 203 -11.90 18.90 -5.83
N VAL A 204 -12.05 18.55 -4.55
CA VAL A 204 -12.55 17.25 -4.13
C VAL A 204 -13.94 17.46 -3.53
N GLU A 205 -14.94 16.82 -4.11
CA GLU A 205 -16.31 16.85 -3.60
C GLU A 205 -16.54 15.62 -2.73
N GLU A 206 -17.10 15.82 -1.54
CA GLU A 206 -17.31 14.74 -0.59
C GLU A 206 -18.76 14.70 -0.17
N LEU A 207 -19.38 13.52 -0.25
CA LEU A 207 -20.75 13.31 0.17
C LEU A 207 -20.77 12.56 1.49
N PHE A 208 -21.26 13.23 2.54
CA PHE A 208 -21.46 12.62 3.84
C PHE A 208 -22.92 12.20 3.93
N LEU A 209 -23.15 10.93 4.22
CA LEU A 209 -24.48 10.36 4.45
C LEU A 209 -24.58 9.91 5.90
N GLY A 210 -25.80 9.60 6.33
CA GLY A 210 -26.05 9.27 7.72
C GLY A 210 -25.23 8.09 8.22
N ASP A 211 -24.91 8.12 9.51
CA ASP A 211 -24.11 7.06 10.12
C ASP A 211 -24.96 5.80 10.33
N ILE A 212 -24.26 4.68 10.52
CA ILE A 212 -24.86 3.36 10.72
C ILE A 212 -24.81 3.03 12.21
N HIS A 213 -25.95 2.62 12.77
CA HIS A 213 -26.00 2.25 14.18
C HIS A 213 -25.05 1.10 14.47
N THR A 214 -24.33 1.21 15.60
CA THR A 214 -23.38 0.19 16.05
C THR A 214 -24.05 -1.11 16.46
N ASP A 215 -25.35 -1.10 16.76
CA ASP A 215 -26.11 -2.31 17.06
C ASP A 215 -26.96 -2.64 15.84
N ALA A 216 -26.62 -3.73 15.13
CA ALA A 216 -27.28 -4.02 13.87
C ALA A 216 -28.80 -4.19 14.03
N THR A 217 -29.26 -4.64 15.20
CA THR A 217 -30.70 -4.81 15.40
C THR A 217 -31.45 -3.48 15.38
N GLN A 218 -30.79 -2.39 15.80
CA GLN A 218 -31.44 -1.10 15.92
C GLN A 218 -31.37 -0.29 14.64
N ARG A 219 -30.81 -0.87 13.58
CA ARG A 219 -30.61 -0.10 12.37
C ARG A 219 -31.93 0.29 11.71
N VAL A 220 -32.95 -0.58 11.77
CA VAL A 220 -34.21 -0.23 11.13
C VAL A 220 -34.95 0.86 11.89
N PHE A 221 -34.48 1.20 13.09
CA PHE A 221 -35.13 2.23 13.89
C PHE A 221 -34.34 3.53 13.96
N TYR A 222 -33.09 3.52 13.48
CA TYR A 222 -32.15 4.60 13.76
C TYR A 222 -32.27 5.72 12.74
N ARG A 223 -32.62 6.91 13.21
CA ARG A 223 -32.49 8.11 12.42
C ARG A 223 -31.09 8.67 12.61
N PRO A 224 -30.28 8.79 11.57
CA PRO A 224 -28.89 9.22 11.74
C PRO A 224 -28.75 10.56 12.43
N SER A 225 -27.71 10.64 13.26
CA SER A 225 -27.38 11.88 14.01
C SER A 225 -25.90 12.21 13.76
N SER A 226 -25.22 11.49 12.87
CA SER A 226 -23.86 11.80 12.46
C SER A 226 -23.66 11.20 11.06
N TYR A 227 -22.41 11.04 10.65
CA TYR A 227 -22.10 10.73 9.28
C TYR A 227 -21.20 9.51 9.16
N GLN A 228 -21.38 8.78 8.06
CA GLN A 228 -20.44 7.77 7.58
C GLN A 228 -19.18 8.44 7.04
N PRO A 229 -18.11 7.68 6.79
CA PRO A 229 -16.97 8.25 6.04
C PRO A 229 -17.45 8.85 4.73
N PRO A 230 -16.79 9.92 4.26
CA PRO A 230 -17.27 10.60 3.04
C PRO A 230 -17.09 9.75 1.78
N LEU A 231 -18.04 9.89 0.86
CA LEU A 231 -17.89 9.39 -0.50
C LEU A 231 -17.33 10.48 -1.40
N GLN A 232 -16.57 10.08 -2.41
CA GLN A 232 -15.99 11.06 -3.31
C GLN A 232 -16.65 10.97 -4.68
N ASN A 233 -16.70 12.13 -5.33
CA ASN A 233 -17.36 12.29 -6.60
C ASN A 233 -16.47 11.81 -7.74
N ALA A 234 -17.07 11.15 -8.73
CA ALA A 234 -16.33 10.67 -9.87
C ALA A 234 -15.74 11.79 -10.73
N LYS A 235 -16.33 12.98 -10.70
CA LYS A 235 -15.76 14.09 -11.46
C LYS A 235 -14.69 14.83 -10.65
N ASN A 236 -14.86 14.93 -9.34
CA ASN A 236 -13.98 15.71 -8.47
C ASN A 236 -13.51 14.84 -7.30
N HIS A 237 -12.64 13.87 -7.60
CA HIS A 237 -12.04 13.03 -6.60
C HIS A 237 -10.55 13.26 -6.50
N ASN A 238 -9.98 12.83 -5.37
CA ASN A 238 -8.51 12.85 -5.23
C ASN A 238 -8.00 11.85 -6.26
N HIS A 239 -6.99 12.23 -7.01
CA HIS A 239 -6.50 11.40 -8.11
C HIS A 239 -5.59 10.27 -7.64
N ALA A 240 -4.99 10.44 -6.46
CA ALA A 240 -4.13 9.39 -5.88
C ALA A 240 -4.97 8.30 -5.21
N CYS A 241 -6.29 8.47 -5.15
CA CYS A 241 -7.18 7.48 -4.55
C CYS A 241 -7.36 6.31 -5.51
N ILE A 242 -6.61 5.22 -5.28
CA ILE A 242 -6.71 4.05 -6.14
C ILE A 242 -8.07 3.35 -5.97
N ALA A 243 -8.55 3.27 -4.72
CA ALA A 243 -9.84 2.62 -4.50
C ALA A 243 -10.95 3.31 -5.29
N CYS A 244 -10.94 4.64 -5.35
CA CYS A 244 -11.95 5.39 -6.09
C CYS A 244 -12.07 4.90 -7.52
N ARG A 245 -10.93 4.78 -8.21
CA ARG A 245 -10.96 4.37 -9.62
C ARG A 245 -11.46 2.94 -9.75
N ILE A 246 -11.00 2.06 -8.86
CA ILE A 246 -11.45 0.68 -8.92
C ILE A 246 -12.96 0.60 -8.76
N ILE A 247 -13.51 1.38 -7.83
CA ILE A 247 -14.95 1.36 -7.57
C ILE A 247 -15.75 2.07 -8.66
N PHE A 248 -15.20 3.14 -9.25
CA PHE A 248 -15.91 3.81 -10.35
C PHE A 248 -16.24 2.82 -11.46
N ARG A 249 -15.27 1.95 -11.78
CA ARG A 249 -15.38 1.05 -12.92
C ARG A 249 -15.99 -0.30 -12.56
N SER A 250 -16.65 -0.40 -11.41
CA SER A 250 -17.20 -1.67 -10.96
C SER A 250 -18.69 -1.75 -11.25
N ASP A 251 -19.23 -2.94 -11.05
CA ASP A 251 -20.65 -3.19 -11.19
C ASP A 251 -21.00 -4.42 -10.36
N GLU A 252 -22.28 -4.78 -10.35
CA GLU A 252 -22.74 -5.87 -9.50
C GLU A 252 -22.15 -7.21 -9.88
N HIS A 253 -21.69 -7.38 -11.13
CA HIS A 253 -21.06 -8.62 -11.55
C HIS A 253 -19.55 -8.57 -11.49
N HIS A 254 -18.96 -7.37 -11.39
CA HIS A 254 -17.51 -7.19 -11.26
C HIS A 254 -17.24 -6.29 -10.06
N PRO A 255 -17.29 -6.84 -8.85
CA PRO A 255 -17.13 -6.02 -7.65
C PRO A 255 -15.73 -5.45 -7.56
N PRO A 256 -15.54 -4.33 -6.83
CA PRO A 256 -14.20 -3.72 -6.74
C PRO A 256 -13.28 -4.60 -5.91
N ILE A 257 -12.14 -4.98 -6.49
CA ILE A 257 -11.09 -5.67 -5.78
C ILE A 257 -10.09 -4.62 -5.33
N LEU A 258 -9.98 -4.41 -4.03
CA LEU A 258 -9.07 -3.43 -3.47
C LEU A 258 -7.68 -4.05 -3.30
N PRO A 259 -6.63 -3.24 -3.25
CA PRO A 259 -5.25 -3.78 -3.14
C PRO A 259 -5.09 -4.59 -1.87
N PRO A 260 -4.38 -5.72 -1.95
CA PRO A 260 -4.15 -6.51 -0.73
C PRO A 260 -3.12 -5.90 0.22
N LYS A 261 -3.40 -4.73 0.78
CA LYS A 261 -2.41 -4.09 1.63
C LYS A 261 -2.20 -4.94 2.88
N ALA A 262 -0.97 -4.95 3.36
CA ALA A 262 -0.66 -5.74 4.54
C ALA A 262 -1.15 -4.97 5.75
N ASP A 263 -1.63 -5.70 6.76
CA ASP A 263 -2.03 -5.06 8.00
C ASP A 263 -0.78 -4.58 8.73
N LEU A 264 -0.82 -3.35 9.24
CA LEU A 264 0.28 -2.84 10.04
C LEU A 264 0.14 -3.29 11.49
N THR A 265 1.28 -3.40 12.17
CA THR A 265 1.29 -3.79 13.57
C THR A 265 1.12 -2.54 14.42
N ILE A 266 0.19 -2.60 15.37
CA ILE A 266 -0.15 -1.44 16.17
C ILE A 266 0.94 -1.23 17.20
N GLY A 267 1.70 -0.15 17.04
CA GLY A 267 2.60 0.28 18.08
C GLY A 267 2.12 1.63 18.53
N LEU A 268 1.26 1.64 19.56
CA LEU A 268 0.64 2.86 20.06
C LEU A 268 1.73 3.77 20.60
N HIS A 269 2.03 4.84 19.87
CA HIS A 269 3.16 5.66 20.25
C HIS A 269 2.96 7.03 19.62
N GLY A 270 3.65 8.01 20.17
CA GLY A 270 3.58 9.35 19.62
C GLY A 270 2.26 10.07 19.86
N GLU A 271 2.05 11.09 19.03
CA GLU A 271 0.91 11.98 19.15
C GLU A 271 0.07 11.89 17.89
N TRP A 272 -1.24 12.12 18.04
CA TRP A 272 -2.21 11.96 16.98
C TRP A 272 -3.29 13.02 17.14
N VAL A 273 -3.74 13.60 16.02
CA VAL A 273 -4.82 14.60 16.07
C VAL A 273 -5.88 14.28 15.03
N SER A 274 -7.08 14.78 15.27
CA SER A 274 -8.16 14.64 14.32
C SER A 274 -7.77 15.21 12.97
N GLN A 275 -8.22 14.56 11.91
CA GLN A 275 -7.98 15.11 10.55
C GLN A 275 -9.15 16.02 10.18
N ARG A 276 -10.33 15.80 10.76
CA ARG A 276 -11.51 16.57 10.40
C ARG A 276 -12.21 17.05 11.65
N CYS A 277 -13.14 17.98 11.46
CA CYS A 277 -14.09 18.31 12.50
C CYS A 277 -15.09 17.17 12.61
N GLU A 278 -14.97 16.38 13.67
CA GLU A 278 -15.78 15.16 13.77
C GLU A 278 -17.16 15.43 14.31
N VAL A 279 -18.13 14.66 13.84
CA VAL A 279 -19.51 14.78 14.36
C VAL A 279 -19.78 13.52 15.17
N ARG A 280 -20.25 13.70 16.39
CA ARG A 280 -20.65 12.54 17.22
C ARG A 280 -22.13 12.72 17.55
N PRO A 281 -22.90 11.62 17.65
CA PRO A 281 -24.32 11.73 17.92
C PRO A 281 -24.69 12.48 19.21
N GLU A 282 -25.61 13.44 19.12
CA GLU A 282 -26.15 14.22 20.28
C GLU A 282 -25.13 15.18 20.92
N VAL A 283 -23.86 14.81 21.04
CA VAL A 283 -22.85 15.63 21.76
C VAL A 283 -22.25 16.70 20.84
N LEU A 284 -22.75 16.80 19.60
CA LEU A 284 -22.30 17.82 18.62
C LEU A 284 -20.94 17.50 17.99
N PHE A 285 -20.13 18.53 17.77
CA PHE A 285 -18.87 18.38 17.00
C PHE A 285 -17.62 18.36 17.88
N LEU A 286 -16.53 17.82 17.34
CA LEU A 286 -15.30 17.69 18.17
C LEU A 286 -14.03 17.33 17.42
N THR A 287 -12.89 17.69 17.98
CA THR A 287 -11.60 17.24 17.52
C THR A 287 -10.89 16.58 18.70
N ARG A 288 -9.93 15.73 18.37
CA ARG A 288 -9.24 14.95 19.39
C ARG A 288 -7.74 15.10 19.19
N HIS A 289 -7.02 15.06 20.30
CA HIS A 289 -5.56 14.98 20.35
C HIS A 289 -5.19 13.89 21.35
N PHE A 290 -4.47 12.87 20.90
CA PHE A 290 -4.05 11.76 21.73
C PHE A 290 -2.54 11.71 21.85
N ILE A 291 -2.07 11.33 23.04
CA ILE A 291 -0.65 11.14 23.31
C ILE A 291 -0.46 9.78 23.97
N PHE A 292 0.37 8.93 23.35
CA PHE A 292 0.69 7.61 23.88
C PHE A 292 2.14 7.55 24.31
N HIS A 293 2.38 7.05 25.51
CA HIS A 293 3.72 6.86 26.07
C HIS A 293 4.03 5.37 26.12
N ASP A 294 4.77 4.87 25.12
CA ASP A 294 5.06 3.44 25.06
C ASP A 294 6.00 2.97 26.17
N ASN A 295 6.66 3.89 26.89
CA ASN A 295 7.56 3.51 27.98
C ASN A 295 6.79 2.88 29.14
N ASN A 296 5.76 3.56 29.65
CA ASN A 296 5.05 3.11 30.84
C ASN A 296 3.59 2.78 30.53
N ASN A 297 3.25 2.64 29.25
CA ASN A 297 1.89 2.34 28.78
C ASN A 297 0.88 3.30 29.39
N THR A 298 1.19 4.59 29.29
CA THR A 298 0.27 5.64 29.70
C THR A 298 -0.18 6.45 28.49
N TRP A 299 -1.32 7.11 28.62
CA TRP A 299 -1.93 7.82 27.52
C TRP A 299 -2.60 9.09 28.03
N GLU A 300 -2.67 10.10 27.17
CA GLU A 300 -3.44 11.32 27.46
C GLU A 300 -4.32 11.64 26.27
N GLY A 301 -5.48 12.21 26.55
CA GLY A 301 -6.36 12.62 25.48
C GLY A 301 -6.97 13.98 25.71
N HIS A 302 -6.96 14.83 24.68
CA HIS A 302 -7.70 16.08 24.69
C HIS A 302 -8.89 15.94 23.74
N TYR A 303 -10.07 16.38 24.22
CA TYR A 303 -11.31 16.32 23.45
C TYR A 303 -11.87 17.74 23.35
N TYR A 304 -11.63 18.41 22.22
CA TYR A 304 -12.05 19.79 22.02
C TYR A 304 -13.46 19.80 21.46
N HIS A 305 -14.39 20.30 22.23
CA HIS A 305 -15.81 20.26 21.78
C HIS A 305 -16.19 21.60 21.15
N TYR A 306 -17.06 21.55 20.15
CA TYR A 306 -17.44 22.76 19.39
C TYR A 306 -18.92 22.70 19.05
N SER A 307 -19.52 23.84 18.73
CA SER A 307 -20.97 23.91 18.45
C SER A 307 -21.20 23.99 16.96
N ASP A 308 -20.14 24.23 16.21
CA ASP A 308 -20.29 24.47 14.76
C ASP A 308 -19.71 23.29 13.96
N PRO A 309 -20.25 22.99 12.77
CA PRO A 309 -19.67 21.92 11.95
C PRO A 309 -18.28 22.21 11.37
N VAL A 310 -17.71 23.41 11.55
CA VAL A 310 -16.35 23.69 11.13
C VAL A 310 -15.38 23.82 12.29
N CYS A 311 -15.84 23.56 13.52
CA CYS A 311 -14.98 23.51 14.71
C CYS A 311 -14.19 24.81 14.90
N LYS A 312 -14.93 25.91 14.85
CA LYS A 312 -14.38 27.24 15.07
C LYS A 312 -14.97 27.94 16.27
N HIS A 313 -16.13 27.48 16.76
CA HIS A 313 -16.81 28.05 17.94
C HIS A 313 -16.75 27.06 19.08
N PRO A 314 -15.73 27.13 19.94
CA PRO A 314 -15.58 26.13 21.01
C PRO A 314 -16.64 26.28 22.10
N THR A 315 -16.85 25.17 22.81
CA THR A 315 -17.86 25.13 23.90
C THR A 315 -17.17 24.66 25.19
N PHE A 316 -16.50 23.51 25.18
CA PHE A 316 -15.74 23.03 26.32
C PHE A 316 -14.70 22.05 25.81
N THR A 317 -13.69 21.80 26.65
CA THR A 317 -12.61 20.89 26.33
C THR A 317 -12.46 19.93 27.50
N ILE A 318 -12.19 18.66 27.20
CA ILE A 318 -11.98 17.63 28.21
C ILE A 318 -10.58 17.07 28.05
N TYR A 319 -9.85 16.95 29.15
CA TYR A 319 -8.56 16.29 29.16
C TYR A 319 -8.66 15.01 29.99
N ALA A 320 -8.14 13.92 29.46
CA ALA A 320 -8.18 12.64 30.14
C ALA A 320 -6.79 12.02 30.11
N ARG A 321 -6.48 11.27 31.17
CA ARG A 321 -5.18 10.63 31.32
C ARG A 321 -5.39 9.29 32.01
N GLY A 322 -4.59 8.29 31.62
CA GLY A 322 -4.60 7.01 32.30
C GLY A 322 -3.61 5.99 31.75
N ARG A 323 -3.99 4.72 31.80
CA ARG A 323 -3.13 3.61 31.41
C ARG A 323 -3.84 2.75 30.37
N TYR A 324 -3.05 2.01 29.60
CA TYR A 324 -3.59 1.11 28.61
C TYR A 324 -2.84 -0.23 28.64
N SER A 325 -3.54 -1.26 28.19
CA SER A 325 -3.05 -2.63 28.18
C SER A 325 -2.21 -2.91 26.93
N ARG A 326 -1.70 -4.14 26.83
CA ARG A 326 -0.99 -4.56 25.64
C ARG A 326 -1.98 -4.96 24.54
N GLY A 327 -1.46 -5.02 23.31
CA GLY A 327 -2.31 -5.34 22.18
C GLY A 327 -2.52 -6.85 22.05
N VAL A 328 -3.76 -7.23 21.73
CA VAL A 328 -4.11 -8.60 21.34
C VAL A 328 -4.84 -8.51 20.02
N LEU A 329 -4.36 -9.26 19.02
CA LEU A 329 -5.02 -9.25 17.73
C LEU A 329 -6.44 -9.77 17.89
N SER A 330 -7.39 -9.08 17.28
CA SER A 330 -8.79 -9.43 17.44
C SER A 330 -9.15 -10.64 16.61
N SER A 331 -9.94 -11.53 17.19
CA SER A 331 -10.50 -12.65 16.45
C SER A 331 -11.88 -12.33 15.91
N LYS A 332 -12.45 -11.19 16.31
CA LYS A 332 -13.77 -10.75 15.92
C LYS A 332 -13.73 -9.74 14.78
N VAL A 333 -12.78 -8.80 14.81
CA VAL A 333 -12.62 -7.81 13.75
C VAL A 333 -11.25 -8.03 13.13
N MET A 334 -11.22 -8.60 11.91
CA MET A 334 -9.95 -8.83 11.23
C MET A 334 -9.22 -7.51 10.98
N GLY A 335 -7.93 -7.47 11.32
CA GLY A 335 -7.15 -6.26 11.23
C GLY A 335 -7.17 -5.40 12.48
N GLY A 336 -8.06 -5.71 13.46
CA GLY A 336 -8.13 -4.92 14.67
C GLY A 336 -7.21 -5.47 15.77
N THR A 337 -6.84 -4.59 16.69
CA THR A 337 -6.07 -4.97 17.87
C THR A 337 -6.85 -4.52 19.09
N GLU A 338 -7.15 -5.45 19.99
CA GLU A 338 -7.92 -5.10 21.17
C GLU A 338 -7.02 -4.46 22.21
N PHE A 339 -7.56 -3.44 22.87
CA PHE A 339 -6.85 -2.71 23.90
C PHE A 339 -7.83 -2.46 25.03
N VAL A 340 -7.30 -2.42 26.25
CA VAL A 340 -8.06 -1.99 27.42
C VAL A 340 -7.47 -0.66 27.88
N PHE A 341 -8.34 0.34 28.01
CA PHE A 341 -7.94 1.68 28.45
C PHE A 341 -8.64 2.01 29.75
N LYS A 342 -7.89 2.63 30.65
CA LYS A 342 -8.41 3.02 31.95
C LYS A 342 -8.17 4.52 32.09
N VAL A 343 -9.24 5.26 32.41
CA VAL A 343 -9.13 6.68 32.70
C VAL A 343 -9.02 6.84 34.21
N ASN A 344 -7.92 7.44 34.68
CA ASN A 344 -7.76 7.69 36.10
C ASN A 344 -7.99 9.14 36.47
N HIS A 345 -7.58 10.06 35.62
CA HIS A 345 -7.68 11.48 35.92
C HIS A 345 -8.37 12.17 34.76
N MET A 346 -9.14 13.21 35.09
CA MET A 346 -9.88 13.95 34.09
C MET A 346 -9.94 15.42 34.48
N LYS A 347 -9.77 16.31 33.51
CA LYS A 347 -9.87 17.75 33.72
C LYS A 347 -10.80 18.35 32.67
N VAL A 348 -11.50 19.42 33.04
CA VAL A 348 -12.44 20.08 32.15
C VAL A 348 -12.06 21.55 31.99
N THR A 349 -12.16 22.05 30.77
CA THR A 349 -11.95 23.47 30.52
C THR A 349 -13.20 24.08 29.90
N PRO A 350 -13.97 24.89 30.62
CA PRO A 350 -15.07 25.61 29.98
C PRO A 350 -14.50 26.58 28.93
N MET A 351 -15.20 26.70 27.80
CA MET A 351 -14.76 27.58 26.72
C MET A 351 -15.76 28.66 26.36
N ASP A 352 -16.87 28.76 27.08
CA ASP A 352 -17.77 29.88 26.90
C ASP A 352 -18.50 30.15 28.20
N ALA A 353 -19.11 31.34 28.28
CA ALA A 353 -19.72 31.76 29.54
C ALA A 353 -20.80 30.77 29.97
N ALA A 354 -21.60 30.28 29.03
CA ALA A 354 -22.70 29.39 29.41
C ALA A 354 -22.18 28.14 30.10
N THR A 355 -21.07 27.58 29.60
CA THR A 355 -20.53 26.37 30.17
C THR A 355 -19.95 26.62 31.56
N ALA A 356 -19.15 27.67 31.70
CA ALA A 356 -18.60 28.01 33.02
C ALA A 356 -19.71 28.27 34.02
N SER A 357 -20.74 29.00 33.60
CA SER A 357 -21.87 29.29 34.48
C SER A 357 -22.54 28.00 34.96
N LEU A 358 -22.84 27.09 34.04
CA LEU A 358 -23.49 25.83 34.42
C LEU A 358 -22.63 25.05 35.40
N LEU A 359 -21.34 24.91 35.11
CA LEU A 359 -20.46 24.17 36.00
C LEU A 359 -20.40 24.82 37.37
N ASN A 360 -20.46 26.15 37.41
CA ASN A 360 -20.44 26.87 38.71
C ASN A 360 -21.74 26.60 39.47
N VAL A 361 -22.88 26.65 38.78
CA VAL A 361 -24.19 26.41 39.43
C VAL A 361 -24.21 25.02 40.05
N PHE A 362 -23.76 24.00 39.33
CA PHE A 362 -23.85 22.61 39.83
C PHE A 362 -22.74 22.31 40.84
N SER A 363 -21.52 22.77 40.57
CA SER A 363 -20.39 22.56 41.51
C SER A 363 -20.47 23.61 42.60
N GLY A 364 -21.28 23.38 43.63
CA GLY A 364 -21.47 24.40 44.67
C GLY A 364 -22.87 24.32 45.23
N ASN A 365 -23.89 24.46 44.38
CA ASN A 365 -25.29 24.46 44.87
C ASN A 365 -25.67 23.05 45.29
N GLU A 366 -24.91 22.05 44.82
CA GLU A 366 -25.22 20.64 45.14
C GLU A 366 -24.00 20.01 45.82
N CYS A 367 -23.32 19.09 45.13
CA CYS A 367 -22.10 18.49 45.72
C CYS A 367 -21.00 19.55 45.82
N GLY A 368 -20.10 19.40 46.78
CA GLY A 368 -18.95 20.31 46.90
C GLY A 368 -19.33 21.67 47.42
N ALA A 369 -18.37 22.59 47.45
CA ALA A 369 -18.63 23.95 47.91
C ALA A 369 -18.27 24.94 46.80
N GLU A 370 -17.02 24.97 46.36
CA GLU A 370 -16.63 26.00 45.37
C GLU A 370 -15.60 25.46 44.37
N GLY A 371 -15.78 25.79 43.08
CA GLY A 371 -14.80 25.38 42.05
C GLY A 371 -14.36 26.57 41.23
N SER A 372 -15.10 27.68 41.30
CA SER A 372 -14.77 28.90 40.50
C SER A 372 -14.38 28.48 39.09
N TRP A 373 -15.31 27.90 38.34
CA TRP A 373 -15.02 27.55 36.97
C TRP A 373 -14.88 28.83 36.16
N GLN A 374 -13.90 28.88 35.28
CA GLN A 374 -13.69 30.09 34.50
C GLN A 374 -13.42 29.74 33.05
N VAL A 375 -13.88 30.61 32.16
CA VAL A 375 -13.73 30.37 30.73
C VAL A 375 -12.24 30.30 30.42
N GLY A 376 -11.82 29.17 29.81
CA GLY A 376 -10.45 29.00 29.40
C GLY A 376 -9.54 28.41 30.45
N ILE A 377 -10.01 28.26 31.69
CA ILE A 377 -9.20 27.76 32.79
C ILE A 377 -9.52 26.28 33.00
N GLN A 378 -8.49 25.45 32.87
CA GLN A 378 -8.62 24.01 33.08
C GLN A 378 -8.71 23.71 34.58
N GLN A 379 -9.55 22.74 34.93
CA GLN A 379 -9.75 22.36 36.32
C GLN A 379 -10.01 20.87 36.38
N ASP A 380 -9.44 20.22 37.40
CA ASP A 380 -9.71 18.82 37.63
C ASP A 380 -11.19 18.64 38.03
N VAL A 381 -11.74 17.47 37.70
CA VAL A 381 -13.13 17.19 38.04
C VAL A 381 -13.23 16.39 39.34
N THR A 382 -12.17 15.71 39.75
CA THR A 382 -12.11 15.09 41.06
C THR A 382 -11.68 16.16 42.05
N HIS A 383 -12.62 16.60 42.89
CA HIS A 383 -12.32 17.68 43.85
C HIS A 383 -11.47 17.13 44.99
N THR A 384 -10.87 18.00 45.79
CA THR A 384 -9.95 17.54 46.83
C THR A 384 -10.65 16.54 47.74
N ASN A 385 -11.94 16.79 48.02
CA ASN A 385 -12.75 15.87 48.87
C ASN A 385 -13.14 14.59 48.10
N GLY A 386 -12.74 14.46 46.83
CA GLY A 386 -13.06 13.30 46.04
C GLY A 386 -14.43 13.31 45.38
N CYS A 387 -15.22 14.38 45.58
CA CYS A 387 -16.51 14.55 44.92
C CYS A 387 -16.29 14.99 43.48
N VAL A 388 -16.69 14.18 42.53
CA VAL A 388 -16.53 14.49 41.11
C VAL A 388 -17.76 15.24 40.61
N ALA A 389 -17.54 16.25 39.79
CA ALA A 389 -18.65 17.08 39.34
C ALA A 389 -19.45 16.36 38.26
N LEU A 390 -20.73 16.73 38.17
CA LEU A 390 -21.67 16.19 37.19
C LEU A 390 -21.78 14.67 37.27
N GLY A 391 -21.43 14.08 38.42
CA GLY A 391 -21.55 12.64 38.60
C GLY A 391 -20.58 11.76 37.84
N ILE A 392 -19.45 12.30 37.38
CA ILE A 392 -18.48 11.48 36.65
C ILE A 392 -17.93 10.39 37.56
N LYS A 393 -17.83 9.17 37.01
CA LYS A 393 -17.28 8.02 37.73
C LYS A 393 -15.83 7.79 37.27
N LEU A 394 -14.88 8.03 38.17
CA LEU A 394 -13.47 7.73 37.94
C LEU A 394 -12.95 6.81 39.04
N PRO A 395 -12.26 5.71 38.70
CA PRO A 395 -11.77 5.40 37.35
C PRO A 395 -12.83 4.78 36.45
N HIS A 396 -12.57 4.84 35.15
CA HIS A 396 -13.46 4.31 34.14
C HIS A 396 -12.66 3.46 33.16
N THR A 397 -13.14 2.26 32.88
CA THR A 397 -12.45 1.35 31.98
C THR A 397 -13.23 1.18 30.68
N GLU A 398 -12.53 1.31 29.55
CA GLU A 398 -13.14 1.11 28.25
C GLU A 398 -12.37 0.04 27.48
N TYR A 399 -13.11 -0.79 26.77
CA TYR A 399 -12.54 -1.88 25.99
C TYR A 399 -12.53 -1.42 24.54
N GLU A 400 -11.34 -1.22 24.00
CA GLU A 400 -11.17 -0.53 22.73
C GLU A 400 -10.69 -1.49 21.66
N ILE A 401 -10.86 -1.05 20.42
CA ILE A 401 -10.35 -1.68 19.22
C ILE A 401 -9.61 -0.60 18.43
N PHE A 402 -8.42 -0.90 17.96
CA PHE A 402 -7.58 0.06 17.26
C PHE A 402 -7.07 -0.59 15.99
N LYS A 403 -6.77 0.24 15.00
CA LYS A 403 -6.09 -0.19 13.79
C LYS A 403 -5.25 0.98 13.29
N MET A 404 -4.18 0.66 12.55
CA MET A 404 -3.33 1.69 11.98
C MET A 404 -3.18 1.46 10.49
N GLU A 405 -3.48 2.49 9.69
CA GLU A 405 -3.32 2.50 8.25
C GLU A 405 -2.48 3.70 7.82
N GLN A 406 -2.26 3.78 6.51
CA GLN A 406 -1.54 4.96 5.95
C GLN A 406 -2.43 5.62 4.91
N ASP A 407 -2.28 6.91 4.72
CA ASP A 407 -3.04 7.64 3.68
C ASP A 407 -2.27 7.58 2.36
N THR A 408 -2.71 8.36 1.36
CA THR A 408 -2.06 8.36 0.02
C THR A 408 -0.70 9.06 0.11
N ARG A 409 -0.51 9.96 1.08
CA ARG A 409 0.80 10.62 1.29
C ARG A 409 1.66 9.79 2.24
N GLY A 410 1.22 8.58 2.60
CA GLY A 410 2.03 7.67 3.43
C GLY A 410 1.96 7.94 4.92
N ARG A 411 1.20 8.95 5.32
CA ARG A 411 1.13 9.32 6.75
C ARG A 411 0.31 8.27 7.52
N TYR A 412 0.75 7.93 8.72
CA TYR A 412 0.06 6.92 9.49
C TYR A 412 -1.25 7.49 10.03
N LEU A 413 -2.26 6.64 10.08
CA LEU A 413 -3.60 7.01 10.51
C LEU A 413 -3.98 6.03 11.60
N LEU A 414 -4.51 6.56 12.71
CA LEU A 414 -4.92 5.75 13.84
C LEU A 414 -6.44 5.78 14.00
N PHE A 415 -7.05 4.61 13.99
CA PHE A 415 -8.49 4.44 14.14
C PHE A 415 -8.75 3.77 15.49
N ASN A 416 -9.70 4.29 16.24
CA ASN A 416 -10.18 3.57 17.42
C ASN A 416 -11.69 3.31 17.30
N GLY A 417 -12.24 2.64 18.31
CA GLY A 417 -13.58 2.09 18.19
C GLY A 417 -14.64 3.16 18.00
N GLN A 418 -15.61 2.86 17.16
CA GLN A 418 -16.76 3.73 17.01
C GLN A 418 -17.51 3.82 18.34
N ARG A 419 -17.84 5.03 18.75
CA ARG A 419 -18.60 5.17 19.97
C ARG A 419 -19.96 4.50 19.78
N PRO A 420 -20.46 3.78 20.79
CA PRO A 420 -21.80 3.21 20.69
C PRO A 420 -22.84 4.29 20.38
N SER A 421 -23.75 3.95 19.48
CA SER A 421 -24.69 4.96 18.95
C SER A 421 -25.69 5.48 19.99
N ASP A 422 -25.99 4.70 21.02
CA ASP A 422 -26.95 5.12 22.04
C ASP A 422 -26.37 6.13 23.02
N GLY A 423 -25.06 6.40 22.93
CA GLY A 423 -24.38 7.27 23.87
C GLY A 423 -23.67 6.52 24.97
N SER A 424 -23.90 5.21 25.06
CA SER A 424 -23.20 4.40 26.03
C SER A 424 -21.71 4.29 25.65
N SER A 425 -20.89 3.90 26.64
CA SER A 425 -19.45 3.64 26.74
C SER A 425 -19.17 2.15 26.59
N PRO A 426 -18.09 1.78 25.92
CA PRO A 426 -17.70 0.35 25.85
C PRO A 426 -17.07 -0.12 27.17
N ASP A 427 -17.91 -0.22 28.20
CA ASP A 427 -17.46 -0.48 29.56
C ASP A 427 -17.31 -1.97 29.89
N ARG A 428 -17.72 -2.85 29.00
CA ARG A 428 -17.63 -4.30 29.14
C ARG A 428 -17.05 -4.88 27.86
N PRO A 429 -16.33 -6.00 27.93
CA PRO A 429 -15.76 -6.59 26.71
C PRO A 429 -16.79 -6.87 25.62
N GLU A 430 -18.04 -7.20 25.98
CA GLU A 430 -19.06 -7.46 24.98
C GLU A 430 -19.57 -6.19 24.31
N LYS A 431 -19.24 -5.02 24.85
CA LYS A 431 -19.59 -3.76 24.21
C LYS A 431 -18.42 -3.17 23.43
N ARG A 432 -17.31 -3.89 23.30
CA ARG A 432 -16.21 -3.41 22.48
C ARG A 432 -16.70 -3.25 21.04
N ALA A 433 -16.30 -2.16 20.40
CA ALA A 433 -16.75 -1.84 19.06
C ALA A 433 -16.30 -2.89 18.05
N THR A 434 -17.09 -3.03 16.99
CA THR A 434 -16.69 -3.78 15.81
C THR A 434 -16.55 -2.88 14.58
N SER A 435 -16.50 -1.56 14.79
CA SER A 435 -16.27 -0.59 13.74
C SER A 435 -15.41 0.53 14.33
N TYR A 436 -15.14 1.57 13.55
CA TYR A 436 -14.14 2.55 13.95
C TYR A 436 -14.66 3.98 13.78
N GLN A 437 -14.00 4.90 14.46
CA GLN A 437 -14.26 6.32 14.27
C GLN A 437 -13.46 6.84 13.07
N MET A 438 -13.67 8.11 12.74
CA MET A 438 -12.82 8.73 11.72
C MET A 438 -11.37 8.71 12.21
N PRO A 439 -10.40 8.53 11.32
CA PRO A 439 -9.02 8.35 11.78
C PRO A 439 -8.42 9.63 12.31
N LEU A 440 -7.48 9.47 13.26
CA LEU A 440 -6.54 10.51 13.63
C LEU A 440 -5.30 10.35 12.78
N VAL A 441 -4.59 11.45 12.57
CA VAL A 441 -3.35 11.43 11.81
C VAL A 441 -2.18 11.75 12.74
N GLN A 442 -1.04 11.12 12.46
CA GLN A 442 0.12 11.31 13.32
C GLN A 442 0.66 12.72 13.13
N CYS A 443 1.03 13.37 14.24
CA CYS A 443 1.58 14.71 14.20
C CYS A 443 2.88 14.87 14.97
N ALA A 444 3.21 13.94 15.86
CA ALA A 444 4.54 13.88 16.46
C ALA A 444 4.73 12.53 17.16
N SER B 27 -4.29 -6.65 -23.18
CA SER B 27 -4.36 -7.33 -21.89
C SER B 27 -3.97 -8.79 -22.00
N GLN B 28 -4.16 -9.36 -23.18
CA GLN B 28 -3.85 -10.76 -23.43
C GLN B 28 -2.33 -10.95 -23.48
N CYS B 29 -1.86 -12.01 -22.80
CA CYS B 29 -0.45 -12.19 -22.49
C CYS B 29 0.44 -12.25 -23.73
N HIS B 30 -0.05 -12.90 -24.78
CA HIS B 30 0.71 -12.97 -26.02
C HIS B 30 0.95 -11.58 -26.59
N HIS B 31 -0.06 -10.71 -26.56
CA HIS B 31 0.11 -9.36 -27.08
C HIS B 31 1.18 -8.59 -26.31
N MET B 32 1.16 -8.68 -24.98
CA MET B 32 2.13 -7.95 -24.16
C MET B 32 3.52 -8.54 -24.25
N LEU B 33 3.66 -9.81 -24.62
CA LEU B 33 4.99 -10.39 -24.80
C LEU B 33 5.59 -10.02 -26.15
N LYS B 34 4.74 -9.82 -27.16
CA LYS B 34 5.21 -9.35 -28.46
C LYS B 34 5.38 -7.84 -28.51
N HIS B 35 4.67 -7.10 -27.65
CA HIS B 35 4.76 -5.64 -27.58
C HIS B 35 5.13 -5.28 -26.15
N LEU B 36 6.40 -5.50 -25.81
CA LEU B 36 6.87 -5.29 -24.45
C LEU B 36 6.78 -3.83 -24.04
N HIS B 37 6.61 -3.60 -22.74
CA HIS B 37 6.60 -2.26 -22.15
C HIS B 37 5.58 -1.36 -22.85
N ASN B 38 4.34 -1.82 -22.90
CA ASN B 38 3.22 -1.10 -23.56
C ASN B 38 3.52 -0.82 -25.02
N GLY B 39 4.28 -1.68 -25.68
CA GLY B 39 4.52 -1.48 -27.10
C GLY B 39 5.41 -0.29 -27.41
N ALA B 40 6.16 0.19 -26.42
CA ALA B 40 7.02 1.34 -26.61
C ALA B 40 8.16 1.01 -27.57
N ARG B 41 8.54 2.00 -28.37
CA ARG B 41 9.68 1.85 -29.27
C ARG B 41 10.95 2.28 -28.54
N ILE B 42 12.01 1.49 -28.69
CA ILE B 42 13.27 1.74 -28.00
C ILE B 42 14.31 2.03 -29.06
N THR B 43 15.03 3.14 -28.88
CA THR B 43 16.19 3.47 -29.71
C THR B 43 17.42 3.47 -28.82
N VAL B 44 18.41 2.69 -29.21
CA VAL B 44 19.69 2.66 -28.51
C VAL B 44 20.64 3.49 -29.35
N GLN B 45 21.06 4.60 -28.77
CA GLN B 45 22.03 5.48 -29.40
C GLN B 45 23.40 4.94 -29.04
N MET B 46 24.12 4.46 -30.05
CA MET B 46 25.49 3.99 -29.90
C MET B 46 26.41 4.96 -30.65
N PRO B 47 27.48 5.45 -30.03
CA PRO B 47 27.82 5.30 -28.59
C PRO B 47 26.88 6.15 -27.73
N PRO B 48 26.58 5.71 -26.51
CA PRO B 48 25.60 6.44 -25.71
C PRO B 48 26.18 7.70 -25.11
N THR B 49 25.29 8.64 -24.76
CA THR B 49 25.64 9.86 -24.05
C THR B 49 25.13 9.74 -22.63
N ILE B 50 26.03 9.67 -21.66
CA ILE B 50 25.62 9.49 -20.28
C ILE B 50 25.64 10.80 -19.49
N GLU B 51 25.99 11.89 -20.15
CA GLU B 51 26.09 13.20 -19.45
C GLU B 51 24.71 13.61 -18.94
N GLY B 52 24.62 13.97 -17.67
CA GLY B 52 23.36 14.40 -17.09
C GLY B 52 23.21 13.83 -15.70
N HIS B 53 22.09 14.13 -15.05
CA HIS B 53 21.79 13.60 -13.72
C HIS B 53 20.81 12.43 -13.83
N TRP B 54 21.24 11.25 -13.37
CA TRP B 54 20.46 10.02 -13.44
C TRP B 54 20.09 9.55 -12.03
N VAL B 55 18.84 9.16 -11.83
CA VAL B 55 18.30 8.84 -10.51
C VAL B 55 17.47 7.56 -10.53
N SER B 56 17.40 6.92 -9.37
CA SER B 56 16.54 5.76 -9.21
C SER B 56 15.08 6.17 -9.29
N THR B 57 14.23 5.22 -9.66
CA THR B 57 12.79 5.44 -9.76
C THR B 57 12.06 4.87 -8.56
N GLY B 58 12.80 4.36 -7.59
CA GLY B 58 12.19 3.80 -6.41
C GLY B 58 13.26 3.25 -5.49
N CYS B 59 12.79 2.56 -4.46
CA CYS B 59 13.65 1.92 -3.47
C CYS B 59 14.20 0.63 -4.08
N GLU B 60 15.49 0.59 -4.36
CA GLU B 60 16.09 -0.57 -5.00
C GLU B 60 16.55 -1.57 -3.95
N VAL B 61 16.59 -2.84 -4.33
CA VAL B 61 17.08 -3.90 -3.46
C VAL B 61 18.29 -4.55 -4.12
N ARG B 62 19.47 -4.34 -3.54
CA ARG B 62 20.62 -5.14 -3.89
C ARG B 62 20.72 -6.34 -2.97
N SER B 63 21.39 -7.38 -3.45
CA SER B 63 21.59 -8.57 -2.65
C SER B 63 22.17 -8.19 -1.31
N GLY B 64 21.76 -8.91 -0.26
CA GLY B 64 22.11 -8.55 1.10
C GLY B 64 21.07 -9.00 2.11
N PRO B 65 19.92 -8.31 2.15
CA PRO B 65 19.46 -7.24 1.26
C PRO B 65 20.06 -5.87 1.62
N GLU B 66 20.14 -5.01 0.61
CA GLU B 66 20.54 -3.62 0.80
C GLU B 66 19.49 -2.77 0.10
N PHE B 67 18.78 -1.96 0.86
CA PHE B 67 17.77 -1.07 0.31
C PHE B 67 18.43 0.27 0.03
N MET B 68 18.39 0.72 -1.22
CA MET B 68 19.18 1.89 -1.58
C MET B 68 18.57 2.62 -2.76
N THR B 69 19.04 3.85 -2.97
CA THR B 69 18.72 4.62 -4.16
C THR B 69 20.01 5.18 -4.74
N ARG B 70 19.98 5.51 -6.03
CA ARG B 70 21.16 5.99 -6.74
C ARG B 70 20.89 7.37 -7.31
N SER B 71 21.91 8.23 -7.25
CA SER B 71 21.88 9.56 -7.85
C SER B 71 23.25 9.77 -8.49
N TYR B 72 23.31 9.62 -9.82
CA TYR B 72 24.58 9.59 -10.54
C TYR B 72 24.68 10.79 -11.46
N ARG B 73 25.72 11.60 -11.29
CA ARG B 73 25.99 12.73 -12.17
C ARG B 73 27.22 12.42 -13.02
N PHE B 74 27.03 12.44 -14.33
CA PHE B 74 28.17 12.27 -15.26
C PHE B 74 28.39 13.63 -15.92
N TYR B 75 29.56 14.23 -15.71
CA TYR B 75 29.85 15.59 -16.24
C TYR B 75 30.52 15.54 -17.62
N ASN B 76 30.65 16.70 -18.28
CA ASN B 76 31.24 16.79 -19.63
C ASN B 76 32.73 16.48 -19.60
N ASN B 77 33.39 16.78 -18.49
CA ASN B 77 34.87 16.59 -18.41
C ASN B 77 35.19 15.12 -18.13
N ASN B 78 34.31 14.19 -18.48
CA ASN B 78 34.55 12.73 -18.32
C ASN B 78 34.80 12.42 -16.84
N THR B 79 34.10 13.09 -15.94
CA THR B 79 34.22 12.85 -14.49
C THR B 79 32.84 12.54 -13.91
N PHE B 80 32.80 11.97 -12.71
CA PHE B 80 31.47 11.58 -12.17
C PHE B 80 31.37 11.73 -10.67
N LYS B 81 30.20 12.10 -10.19
CA LYS B 81 29.87 12.07 -8.77
C LYS B 81 28.63 11.21 -8.60
N ALA B 82 28.78 10.11 -7.87
CA ALA B 82 27.72 9.13 -7.71
C ALA B 82 27.34 9.05 -6.23
N TYR B 83 26.06 9.23 -5.94
CA TYR B 83 25.54 9.02 -4.60
C TYR B 83 24.88 7.65 -4.50
N GLN B 84 25.18 6.93 -3.43
CA GLN B 84 24.46 5.72 -3.08
C GLN B 84 23.90 5.92 -1.69
N PHE B 85 22.58 6.11 -1.61
CA PHE B 85 21.87 6.27 -0.34
C PHE B 85 21.37 4.92 0.15
N TYR B 86 21.75 4.53 1.37
CA TYR B 86 21.28 3.28 1.93
C TYR B 86 20.25 3.54 3.03
N TYR B 87 19.33 2.59 3.20
CA TYR B 87 18.21 2.72 4.11
C TYR B 87 18.04 1.42 4.90
N GLY B 88 17.27 1.49 5.99
CA GLY B 88 17.08 0.31 6.81
C GLY B 88 15.89 -0.55 6.45
N SER B 89 15.04 -0.08 5.54
CA SER B 89 13.79 -0.76 5.23
C SER B 89 13.51 -0.65 3.74
N ASN B 90 12.61 -1.53 3.27
CA ASN B 90 12.24 -1.62 1.86
C ASN B 90 11.48 -0.39 1.36
N ARG B 91 11.15 0.55 2.24
CA ARG B 91 10.41 1.71 1.80
C ARG B 91 11.29 2.89 1.51
N CYS B 92 12.56 2.81 1.89
CA CYS B 92 13.56 3.86 1.67
C CYS B 92 13.12 5.18 2.30
N THR B 93 12.71 5.09 3.57
CA THR B 93 12.28 6.24 4.33
C THR B 93 13.20 6.57 5.50
N ASN B 94 14.15 5.70 5.82
CA ASN B 94 15.04 5.87 6.97
C ASN B 94 16.50 5.68 6.54
N PRO B 95 17.15 6.76 6.12
CA PRO B 95 18.54 6.65 5.68
C PRO B 95 19.45 6.13 6.79
N THR B 96 20.34 5.19 6.44
CA THR B 96 21.34 4.70 7.37
C THR B 96 22.71 5.32 7.09
N TYR B 97 23.24 5.08 5.90
CA TYR B 97 24.50 5.67 5.49
C TYR B 97 24.46 5.95 3.99
N THR B 98 25.39 6.81 3.56
CA THR B 98 25.49 7.23 2.17
C THR B 98 26.94 7.16 1.71
N LEU B 99 27.16 6.64 0.51
CA LEU B 99 28.47 6.65 -0.11
C LEU B 99 28.50 7.73 -1.19
N ILE B 100 29.57 8.53 -1.21
CA ILE B 100 29.81 9.49 -2.27
C ILE B 100 31.03 9.03 -3.06
N ILE B 101 30.80 8.69 -4.31
CA ILE B 101 31.82 8.10 -5.17
C ILE B 101 32.13 9.09 -6.28
N ARG B 102 33.39 9.48 -6.39
CA ARG B 102 33.84 10.40 -7.41
C ARG B 102 34.92 9.71 -8.24
N GLY B 103 34.97 10.01 -9.53
CA GLY B 103 35.96 9.39 -10.36
C GLY B 103 35.90 9.87 -11.80
N LYS B 104 36.60 9.12 -12.65
CA LYS B 104 36.63 9.45 -14.08
C LYS B 104 35.98 8.31 -14.85
N ILE B 105 35.25 8.66 -15.91
CA ILE B 105 34.60 7.62 -16.76
C ILE B 105 34.88 7.95 -18.22
N ARG B 106 35.28 6.96 -18.99
CA ARG B 106 35.48 7.14 -20.44
C ARG B 106 34.74 6.03 -21.16
N LEU B 107 33.71 6.39 -21.91
CA LEU B 107 32.99 5.39 -22.68
C LEU B 107 33.91 4.84 -23.75
N ARG B 108 33.93 3.52 -23.90
CA ARG B 108 34.68 2.94 -25.00
C ARG B 108 33.70 2.61 -26.13
N GLN B 109 33.69 1.36 -26.58
N GLN B 109 33.68 1.35 -26.56
CA GLN B 109 32.82 1.00 -27.70
CA GLN B 109 32.84 0.95 -27.68
C GLN B 109 31.92 -0.17 -27.32
C GLN B 109 31.90 -0.17 -27.30
N ALA B 110 31.26 -0.78 -28.30
CA ALA B 110 30.28 -1.84 -28.03
C ALA B 110 30.89 -2.99 -27.23
N SER B 111 30.08 -3.53 -26.33
CA SER B 111 30.53 -4.61 -25.46
C SER B 111 30.82 -5.89 -26.22
N TRP B 112 31.86 -6.59 -25.77
CA TRP B 112 32.16 -7.94 -26.20
C TRP B 112 31.47 -8.97 -25.30
N ILE B 113 31.11 -8.57 -24.09
CA ILE B 113 30.41 -9.48 -23.16
C ILE B 113 28.94 -9.58 -23.57
N ILE B 114 28.24 -8.45 -23.66
CA ILE B 114 26.78 -8.50 -23.91
C ILE B 114 26.39 -7.68 -25.13
N ARG B 115 25.61 -8.29 -26.03
CA ARG B 115 25.11 -7.57 -27.22
C ARG B 115 24.19 -6.43 -26.75
N GLY B 116 24.45 -5.24 -27.23
CA GLY B 116 23.68 -4.08 -26.85
C GLY B 116 24.32 -3.24 -25.79
N GLY B 117 25.33 -3.75 -25.11
CA GLY B 117 25.96 -3.01 -24.05
C GLY B 117 27.10 -2.17 -24.58
N THR B 118 27.35 -1.07 -23.90
CA THR B 118 28.48 -0.21 -24.23
C THR B 118 29.47 -0.40 -23.09
N GLU B 119 30.67 -0.73 -23.46
CA GLU B 119 31.63 -1.11 -22.50
C GLU B 119 32.49 0.11 -22.18
N ALA B 120 32.90 0.21 -20.88
CA ALA B 120 33.49 1.46 -20.39
C ALA B 120 34.60 1.20 -19.39
N ASP B 121 35.43 2.21 -19.25
CA ASP B 121 36.50 2.18 -18.27
C ASP B 121 36.31 3.31 -17.26
N TYR B 122 36.67 3.04 -16.01
CA TYR B 122 36.49 4.03 -14.98
C TYR B 122 37.72 3.99 -14.07
N GLN B 123 37.98 5.12 -13.44
CA GLN B 123 39.01 5.21 -12.41
C GLN B 123 38.40 5.90 -11.21
N LEU B 124 38.44 5.25 -10.06
CA LEU B 124 37.99 5.92 -8.86
C LEU B 124 38.97 7.00 -8.44
N HIS B 125 38.41 7.98 -7.77
CA HIS B 125 39.03 9.24 -7.43
C HIS B 125 38.88 9.54 -5.95
N GLY B 126 37.86 8.98 -5.30
CA GLY B 126 37.59 9.01 -3.88
C GLY B 126 36.29 8.28 -3.56
N VAL B 127 36.19 7.64 -2.40
CA VAL B 127 34.92 7.10 -1.89
C VAL B 127 34.77 7.57 -0.45
N GLN B 128 33.76 8.40 -0.20
CA GLN B 128 33.43 8.87 1.14
C GLN B 128 32.15 8.20 1.64
N VAL B 129 32.03 8.10 2.96
CA VAL B 129 30.85 7.54 3.60
C VAL B 129 30.36 8.50 4.68
N ILE B 130 29.04 8.73 4.71
CA ILE B 130 28.37 9.49 5.77
C ILE B 130 27.33 8.61 6.44
N CYS B 131 27.39 8.53 7.76
CA CYS B 131 26.35 7.88 8.54
C CYS B 131 25.34 8.91 9.00
N HIS B 132 24.07 8.53 9.04
CA HIS B 132 23.01 9.45 9.38
C HIS B 132 22.43 9.20 10.77
N THR B 133 22.76 8.08 11.40
CA THR B 133 22.38 7.80 12.79
C THR B 133 23.62 7.43 13.58
N GLU B 134 23.56 7.68 14.90
CA GLU B 134 24.72 7.35 15.73
C GLU B 134 24.93 5.84 15.82
N ALA B 135 23.87 5.04 15.66
CA ALA B 135 24.03 3.59 15.70
C ALA B 135 24.81 3.10 14.48
N VAL B 136 24.55 3.68 13.31
CA VAL B 136 25.29 3.31 12.11
C VAL B 136 26.73 3.79 12.21
N ALA B 137 26.93 5.00 12.74
CA ALA B 137 28.28 5.54 12.88
C ALA B 137 29.17 4.60 13.69
N GLU B 138 28.65 4.04 14.79
CA GLU B 138 29.47 3.13 15.57
C GLU B 138 29.70 1.82 14.81
N GLN B 139 28.64 1.23 14.27
CA GLN B 139 28.79 -0.03 13.52
C GLN B 139 29.75 0.15 12.33
N LEU B 140 29.57 1.24 11.55
CA LEU B 140 30.64 1.66 10.62
C LEU B 140 32.01 1.77 11.24
N SER B 141 32.15 2.57 12.26
CA SER B 141 33.52 2.80 12.73
C SER B 141 34.20 1.52 13.14
N ARG B 142 33.49 0.64 13.86
CA ARG B 142 34.12 -0.61 14.31
C ARG B 142 34.51 -1.51 13.15
N LEU B 143 33.62 -1.69 12.17
CA LEU B 143 33.90 -2.60 11.06
C LEU B 143 35.11 -2.15 10.27
N VAL B 144 35.20 -0.85 9.95
CA VAL B 144 36.38 -0.34 9.26
C VAL B 144 37.64 -0.58 10.08
N ASN B 145 37.57 -0.36 11.40
CA ASN B 145 38.72 -0.57 12.26
C ASN B 145 39.13 -2.04 12.30
N ARG B 146 38.15 -2.95 12.37
CA ARG B 146 38.47 -4.38 12.40
C ARG B 146 39.12 -4.83 11.11
N THR B 147 38.56 -4.41 9.97
CA THR B 147 39.10 -4.84 8.68
C THR B 147 40.44 -4.17 8.38
N CYS B 148 40.54 -2.86 8.62
CA CYS B 148 41.74 -2.07 8.32
C CYS B 148 42.27 -1.37 9.55
N PRO B 149 43.12 -2.04 10.35
CA PRO B 149 43.60 -1.43 11.60
C PRO B 149 44.20 -0.05 11.35
N GLY B 150 43.67 0.95 12.07
CA GLY B 150 44.05 2.31 11.85
C GLY B 150 42.84 3.09 11.34
N PHE B 151 42.93 3.63 10.13
CA PHE B 151 41.89 4.47 9.54
C PHE B 151 41.19 5.40 10.52
N GLY B 156 39.71 8.39 17.73
CA GLY B 156 38.86 9.25 16.92
C GLY B 156 37.67 8.49 16.35
N PRO B 157 36.64 8.27 17.16
CA PRO B 157 35.48 7.53 16.68
C PRO B 157 34.70 8.29 15.62
N TRP B 158 34.10 7.52 14.70
CA TRP B 158 33.29 8.12 13.64
C TRP B 158 31.96 8.59 14.22
N VAL B 159 31.54 9.79 13.81
CA VAL B 159 30.28 10.38 14.23
C VAL B 159 29.38 10.57 13.02
N GLN B 160 28.09 10.79 13.30
CA GLN B 160 27.11 10.95 12.25
C GLN B 160 27.26 12.31 11.57
N ASP B 161 26.75 12.38 10.34
CA ASP B 161 26.71 13.60 9.53
C ASP B 161 28.09 14.12 9.18
N VAL B 162 29.12 13.28 9.32
CA VAL B 162 30.48 13.63 8.93
C VAL B 162 30.94 12.67 7.86
N ALA B 163 31.51 13.19 6.78
CA ALA B 163 32.02 12.37 5.70
C ALA B 163 33.40 11.81 6.07
N TYR B 164 33.60 10.52 5.82
CA TYR B 164 34.86 9.84 6.08
C TYR B 164 35.33 9.16 4.79
N ASP B 165 36.61 9.32 4.47
CA ASP B 165 37.18 8.72 3.26
C ASP B 165 37.51 7.25 3.47
N LEU B 166 36.86 6.38 2.69
CA LEU B 166 37.11 4.94 2.72
C LEU B 166 38.09 4.48 1.64
N TRP B 167 38.13 5.17 0.50
CA TRP B 167 39.02 4.86 -0.60
C TRP B 167 39.85 6.07 -0.96
N GLN B 168 41.16 6.00 -0.70
CA GLN B 168 42.08 7.03 -1.15
C GLN B 168 42.79 6.64 -2.45
N GLU B 169 42.75 7.56 -3.43
CA GLU B 169 43.58 7.39 -4.62
C GLU B 169 45.05 7.51 -4.24
N GLU B 170 45.42 8.59 -3.55
CA GLU B 170 46.83 8.83 -3.24
C GLU B 170 47.33 7.92 -2.13
N SER B 171 46.46 7.43 -1.26
CA SER B 171 46.84 6.41 -0.29
C SER B 171 46.41 5.05 -0.82
N ASN B 172 47.40 4.22 -1.14
CA ASN B 172 47.14 2.85 -1.55
C ASN B 172 46.36 2.10 -0.49
N HIS B 173 46.46 2.54 0.77
CA HIS B 173 45.74 1.91 1.86
C HIS B 173 44.32 2.49 1.87
N GLU B 174 43.35 1.62 1.71
CA GLU B 174 41.94 1.97 1.67
C GLU B 174 41.17 0.87 2.37
N CYS B 175 39.90 1.12 2.65
CA CYS B 175 39.07 0.15 3.36
C CYS B 175 37.69 0.01 2.72
N THR B 176 37.63 0.05 1.39
CA THR B 176 36.36 -0.21 0.73
C THR B 176 35.89 -1.64 0.94
N LYS B 177 36.80 -2.53 1.33
CA LYS B 177 36.46 -3.92 1.62
C LYS B 177 35.51 -4.05 2.80
N ALA B 178 35.49 -3.06 3.70
CA ALA B 178 34.58 -3.11 4.85
C ALA B 178 33.12 -3.11 4.43
N VAL B 179 32.76 -2.28 3.46
CA VAL B 179 31.39 -2.25 2.92
C VAL B 179 31.27 -3.08 1.65
N ASN B 180 32.27 -3.92 1.34
CA ASN B 180 32.34 -4.70 0.10
C ASN B 180 31.97 -3.83 -1.10
N PHE B 181 32.61 -2.68 -1.19
CA PHE B 181 32.27 -1.71 -2.21
C PHE B 181 33.06 -1.97 -3.49
N ALA B 182 32.38 -1.89 -4.61
CA ALA B 182 33.02 -1.90 -5.92
C ALA B 182 32.16 -1.06 -6.84
N MET B 183 32.79 -0.53 -7.88
CA MET B 183 32.10 0.32 -8.84
C MET B 183 32.12 -0.32 -10.23
N HIS B 184 32.20 -1.65 -10.29
CA HIS B 184 32.29 -2.32 -11.59
C HIS B 184 31.03 -2.17 -12.41
N GLU B 185 29.95 -1.68 -11.83
CA GLU B 185 28.76 -1.39 -12.61
C GLU B 185 29.05 -0.39 -13.72
N LEU B 186 30.04 0.47 -13.53
CA LEU B 186 30.28 1.51 -14.54
C LEU B 186 31.05 0.99 -15.74
N GLN B 187 31.30 -0.32 -15.83
CA GLN B 187 31.99 -0.88 -16.99
C GLN B 187 31.05 -1.32 -18.10
N LEU B 188 29.75 -1.41 -17.81
CA LEU B 188 28.75 -1.85 -18.77
C LEU B 188 27.64 -0.80 -18.79
N ILE B 189 27.35 -0.25 -19.97
CA ILE B 189 26.48 0.91 -20.07
C ILE B 189 25.53 0.72 -21.25
N ARG B 190 24.25 1.05 -21.03
CA ARG B 190 23.25 1.03 -22.09
C ARG B 190 22.24 2.12 -21.77
N VAL B 191 22.01 3.01 -22.73
CA VAL B 191 20.99 4.04 -22.62
C VAL B 191 19.89 3.71 -23.62
N GLU B 192 18.69 3.52 -23.10
CA GLU B 192 17.52 3.26 -23.92
C GLU B 192 16.67 4.52 -23.93
N LYS B 193 16.42 5.05 -25.12
CA LYS B 193 15.47 6.14 -25.30
C LYS B 193 14.14 5.50 -25.69
N GLN B 194 13.14 5.68 -24.84
CA GLN B 194 11.88 4.97 -25.00
C GLN B 194 10.77 5.96 -25.37
N TYR B 195 10.13 5.69 -26.51
CA TYR B 195 9.04 6.56 -26.99
C TYR B 195 7.78 5.74 -27.22
N PRO B 196 6.56 6.30 -27.09
CA PRO B 196 5.34 5.58 -27.44
C PRO B 196 5.27 5.15 -28.91
N HIS B 197 4.33 4.26 -29.25
CA HIS B 197 4.24 3.71 -30.62
C HIS B 197 3.95 4.80 -31.65
N HIS B 198 4.61 4.74 -32.81
CA HIS B 198 4.44 5.75 -33.88
C HIS B 198 4.47 7.15 -33.27
N SER B 199 5.51 7.46 -32.50
CA SER B 199 5.52 8.75 -31.79
C SER B 199 6.93 9.19 -31.42
N LEU B 200 7.20 10.48 -31.50
CA LEU B 200 8.48 11.02 -31.03
C LEU B 200 8.12 11.83 -29.79
N ASP B 201 7.11 11.34 -29.08
CA ASP B 201 6.65 12.07 -27.90
C ASP B 201 7.10 11.35 -26.64
N HIS B 202 6.94 12.05 -25.50
CA HIS B 202 7.11 11.54 -24.15
C HIS B 202 8.32 10.60 -24.00
N LEU B 203 9.47 11.09 -24.44
CA LEU B 203 10.68 10.29 -24.37
C LEU B 203 11.16 10.15 -22.93
N VAL B 204 11.30 8.91 -22.49
CA VAL B 204 11.90 8.60 -21.19
C VAL B 204 13.28 8.02 -21.50
N GLU B 205 14.32 8.62 -20.93
CA GLU B 205 15.67 8.09 -21.05
C GLU B 205 16.01 7.22 -19.84
N GLU B 206 16.55 6.03 -20.10
CA GLU B 206 16.85 5.07 -19.05
C GLU B 206 18.30 4.64 -19.17
N LEU B 207 19.03 4.70 -18.05
CA LEU B 207 20.44 4.32 -18.00
C LEU B 207 20.58 2.97 -17.31
N PHE B 208 21.05 1.96 -18.04
CA PHE B 208 21.37 0.65 -17.48
C PHE B 208 22.86 0.56 -17.22
N LEU B 209 23.22 0.24 -15.99
CA LEU B 209 24.59 0.01 -15.56
C LEU B 209 24.76 -1.47 -15.18
N GLY B 210 26.01 -1.90 -15.04
CA GLY B 210 26.28 -3.33 -14.80
C GLY B 210 25.63 -3.85 -13.53
N ASP B 211 25.31 -5.15 -13.54
CA ASP B 211 24.61 -5.79 -12.43
C ASP B 211 25.53 -6.02 -11.24
N ILE B 212 24.91 -6.23 -10.08
CA ILE B 212 25.58 -6.43 -8.80
C ILE B 212 25.62 -7.91 -8.47
N HIS B 213 26.80 -8.43 -8.11
CA HIS B 213 26.92 -9.82 -7.72
C HIS B 213 26.05 -10.10 -6.50
N THR B 214 25.31 -11.21 -6.54
CA THR B 214 24.47 -11.59 -5.40
C THR B 214 25.28 -11.93 -4.16
N ASP B 215 26.58 -12.24 -4.29
CA ASP B 215 27.46 -12.48 -3.15
C ASP B 215 28.34 -11.25 -2.92
N ALA B 216 28.06 -10.52 -1.83
CA ALA B 216 28.69 -9.22 -1.62
C ALA B 216 30.21 -9.32 -1.55
N THR B 217 30.75 -10.42 -1.03
CA THR B 217 32.19 -10.59 -0.96
C THR B 217 32.82 -10.74 -2.34
N GLN B 218 32.04 -11.12 -3.35
CA GLN B 218 32.57 -11.33 -4.69
C GLN B 218 32.49 -10.09 -5.58
N ARG B 219 31.92 -8.98 -5.07
CA ARG B 219 31.65 -7.82 -5.91
C ARG B 219 32.94 -7.17 -6.40
N VAL B 220 34.01 -7.24 -5.62
CA VAL B 220 35.28 -6.63 -5.99
C VAL B 220 35.98 -7.36 -7.13
N PHE B 221 35.46 -8.51 -7.53
CA PHE B 221 36.09 -9.30 -8.62
C PHE B 221 35.09 -9.54 -9.76
N TYR B 222 33.87 -9.02 -9.63
CA TYR B 222 32.82 -9.37 -10.62
C TYR B 222 32.82 -8.44 -11.82
N ARG B 223 32.90 -9.05 -13.01
CA ARG B 223 32.78 -8.28 -14.26
C ARG B 223 31.34 -8.43 -14.70
N PRO B 224 30.55 -7.35 -14.73
CA PRO B 224 29.14 -7.44 -15.06
C PRO B 224 28.81 -7.96 -16.46
N SER B 225 27.82 -8.82 -16.56
CA SER B 225 27.40 -9.40 -17.87
C SER B 225 25.91 -9.11 -18.06
N SER B 226 25.32 -8.35 -17.15
CA SER B 226 23.89 -7.99 -17.22
C SER B 226 23.69 -6.61 -16.59
N TYR B 227 22.47 -6.26 -16.25
CA TYR B 227 22.24 -4.89 -15.78
C TYR B 227 21.40 -4.77 -14.52
N GLN B 228 21.60 -3.66 -13.80
CA GLN B 228 20.77 -3.33 -12.63
C GLN B 228 19.52 -2.65 -13.13
N PRO B 229 18.49 -2.43 -12.28
CA PRO B 229 17.32 -1.68 -12.67
C PRO B 229 17.68 -0.32 -13.29
N PRO B 230 16.94 0.15 -14.32
CA PRO B 230 17.27 1.39 -14.99
C PRO B 230 17.21 2.68 -14.16
N LEU B 231 18.17 3.57 -14.38
CA LEU B 231 18.12 4.92 -13.76
C LEU B 231 17.42 5.84 -14.77
N GLN B 232 16.76 6.89 -14.29
CA GLN B 232 16.06 7.84 -15.21
C GLN B 232 16.73 9.22 -15.18
N ASN B 233 16.62 9.96 -16.29
CA ASN B 233 17.24 11.31 -16.40
C ASN B 233 16.35 12.35 -15.76
N ALA B 234 16.93 13.24 -14.95
CA ALA B 234 16.17 14.33 -14.31
C ALA B 234 15.58 15.31 -15.33
N LYS B 235 16.00 15.23 -16.59
CA LYS B 235 15.44 16.09 -17.65
C LYS B 235 14.37 15.34 -18.46
N ASN B 236 14.47 14.01 -18.58
CA ASN B 236 13.52 13.24 -19.40
C ASN B 236 13.03 12.03 -18.59
N HIS B 237 12.44 12.29 -17.42
CA HIS B 237 11.97 11.19 -16.55
C HIS B 237 10.45 11.08 -16.58
N ASN B 238 9.92 9.95 -16.12
CA ASN B 238 8.43 9.83 -16.01
CA ASN B 238 8.43 9.83 -16.01
C ASN B 238 7.71 10.85 -15.09
N HIS B 239 6.58 11.35 -15.63
CA HIS B 239 5.84 12.40 -14.87
C HIS B 239 5.35 11.85 -13.53
N ALA B 240 5.06 10.55 -13.49
CA ALA B 240 4.56 9.92 -12.25
C ALA B 240 5.70 9.67 -11.28
N CYS B 241 6.94 9.73 -11.73
CA CYS B 241 8.07 9.37 -10.85
C CYS B 241 8.27 10.49 -9.81
N ILE B 242 7.63 10.34 -8.66
CA ILE B 242 7.78 11.33 -7.56
C ILE B 242 9.16 11.14 -6.96
N ALA B 243 9.58 9.88 -6.82
CA ALA B 243 10.90 9.56 -6.23
C ALA B 243 12.03 10.21 -7.04
N CYS B 244 11.90 10.22 -8.36
CA CYS B 244 12.94 10.81 -9.24
C CYS B 244 13.22 12.25 -8.80
N ARG B 245 12.16 13.01 -8.52
CA ARG B 245 12.32 14.44 -8.14
C ARG B 245 12.90 14.56 -6.74
N ILE B 246 12.46 13.72 -5.81
CA ILE B 246 12.98 13.75 -4.41
C ILE B 246 14.48 13.46 -4.44
N ILE B 247 14.89 12.45 -5.22
CA ILE B 247 16.32 12.05 -5.25
C ILE B 247 17.14 13.14 -5.94
N PHE B 248 16.59 13.76 -6.98
CA PHE B 248 17.30 14.84 -7.71
C PHE B 248 17.61 15.99 -6.75
N ARG B 249 16.68 16.34 -5.86
CA ARG B 249 16.89 17.53 -5.01
C ARG B 249 17.59 17.11 -3.72
N SER B 250 18.16 15.90 -3.72
CA SER B 250 18.79 15.41 -2.48
C SER B 250 20.30 15.59 -2.57
N ASP B 251 20.99 15.30 -1.48
CA ASP B 251 22.47 15.39 -1.46
C ASP B 251 22.98 14.52 -0.33
N GLU B 252 24.30 14.45 -0.16
CA GLU B 252 24.93 13.57 0.85
C GLU B 252 24.44 13.92 2.27
N HIS B 253 24.11 15.19 2.52
CA HIS B 253 23.72 15.61 3.90
C HIS B 253 22.19 15.62 4.00
N HIS B 254 21.50 15.72 2.88
CA HIS B 254 20.02 15.69 2.87
C HIS B 254 19.55 14.47 2.09
N PRO B 255 19.59 13.24 2.67
CA PRO B 255 19.27 12.03 1.93
C PRO B 255 17.80 12.01 1.44
N PRO B 256 17.49 11.33 0.32
CA PRO B 256 16.16 11.34 -0.23
C PRO B 256 15.19 10.49 0.59
N ILE B 257 14.13 11.11 1.10
CA ILE B 257 13.07 10.34 1.83
C ILE B 257 11.98 10.05 0.81
N LEU B 258 11.79 8.78 0.49
CA LEU B 258 10.79 8.38 -0.52
C LEU B 258 9.43 8.25 0.17
N PRO B 259 8.27 8.52 -0.50
CA PRO B 259 7.00 8.50 0.21
C PRO B 259 6.80 7.16 0.92
N PRO B 260 6.43 7.14 2.23
CA PRO B 260 6.16 5.88 2.91
C PRO B 260 5.01 5.21 2.15
N LYS B 261 5.08 3.90 1.95
CA LYS B 261 4.06 3.20 1.13
C LYS B 261 3.69 1.88 1.79
N ALA B 262 2.65 1.24 1.29
CA ALA B 262 2.15 0.03 1.97
C ALA B 262 2.70 -1.23 1.32
N ASP B 263 3.15 -2.16 2.15
CA ASP B 263 3.59 -3.46 1.60
C ASP B 263 2.33 -4.20 1.18
N LEU B 264 2.36 -4.85 0.02
CA LEU B 264 1.21 -5.67 -0.39
C LEU B 264 1.45 -7.11 0.06
N THR B 265 0.37 -7.87 0.19
CA THR B 265 0.45 -9.28 0.62
C THR B 265 0.55 -10.12 -0.64
N ILE B 266 1.43 -11.11 -0.64
CA ILE B 266 1.63 -11.91 -1.88
C ILE B 266 0.72 -13.11 -1.90
N GLY B 267 -0.29 -13.06 -2.76
CA GLY B 267 -1.14 -14.23 -2.98
C GLY B 267 -0.94 -14.56 -4.43
N LEU B 268 -0.22 -15.63 -4.71
CA LEU B 268 0.13 -15.92 -6.12
C LEU B 268 -1.12 -16.29 -6.91
N HIS B 269 -1.61 -15.35 -7.69
CA HIS B 269 -2.80 -15.60 -8.56
CA HIS B 269 -2.81 -15.58 -8.55
C HIS B 269 -2.73 -15.03 -10.01
N GLY B 270 -3.37 -15.77 -10.89
CA GLY B 270 -3.43 -15.27 -12.28
C GLY B 270 -2.19 -15.46 -13.13
N GLU B 271 -2.11 -14.69 -14.20
CA GLU B 271 -1.01 -14.84 -15.16
C GLU B 271 -0.17 -13.57 -15.16
N TRP B 272 1.12 -13.72 -15.42
CA TRP B 272 2.04 -12.57 -15.37
C TRP B 272 3.04 -12.70 -16.52
N VAL B 273 3.40 -11.57 -17.12
CA VAL B 273 4.37 -11.59 -18.23
C VAL B 273 5.45 -10.55 -17.98
N SER B 274 6.61 -10.77 -18.59
CA SER B 274 7.72 -9.81 -18.47
C SER B 274 7.32 -8.46 -19.07
N GLN B 275 7.68 -7.37 -18.40
CA GLN B 275 7.39 -6.02 -18.91
C GLN B 275 8.48 -5.64 -19.92
N ARG B 276 9.65 -6.25 -19.82
CA ARG B 276 10.78 -5.90 -20.71
C ARG B 276 11.54 -7.13 -21.18
N CYS B 277 12.43 -6.95 -22.15
CA CYS B 277 13.34 -8.03 -22.60
C CYS B 277 14.41 -8.10 -21.51
N GLU B 278 14.37 -9.12 -20.68
CA GLU B 278 15.28 -9.16 -19.52
C GLU B 278 16.65 -9.74 -19.87
N VAL B 279 17.65 -9.29 -19.14
CA VAL B 279 19.03 -9.80 -19.36
C VAL B 279 19.45 -10.56 -18.12
N ARG B 280 19.80 -11.82 -18.28
CA ARG B 280 20.34 -12.60 -17.14
C ARG B 280 21.84 -12.77 -17.35
N PRO B 281 22.65 -12.89 -16.28
CA PRO B 281 24.08 -13.13 -16.43
C PRO B 281 24.47 -14.40 -17.21
N GLU B 282 25.23 -14.27 -18.31
CA GLU B 282 25.77 -15.41 -19.11
C GLU B 282 24.73 -16.07 -20.03
N VAL B 283 23.48 -16.20 -19.62
CA VAL B 283 22.45 -16.94 -20.43
C VAL B 283 21.80 -16.01 -21.46
N LEU B 284 22.22 -14.75 -21.53
CA LEU B 284 21.71 -13.76 -22.51
C LEU B 284 20.29 -13.24 -22.18
N PHE B 285 19.43 -13.12 -23.19
CA PHE B 285 18.12 -12.46 -23.02
C PHE B 285 16.94 -13.43 -22.90
N LEU B 286 15.89 -12.99 -22.19
CA LEU B 286 14.71 -13.85 -21.98
C LEU B 286 13.46 -13.09 -21.54
N THR B 287 12.29 -13.61 -21.88
CA THR B 287 11.04 -13.14 -21.31
C THR B 287 10.35 -14.31 -20.59
N ARG B 288 9.46 -13.96 -19.69
CA ARG B 288 8.83 -14.96 -18.85
C ARG B 288 7.32 -14.82 -18.92
N HIS B 289 6.65 -15.96 -18.81
CA HIS B 289 5.20 -16.03 -18.67
C HIS B 289 4.88 -17.01 -17.56
N PHE B 290 4.25 -16.53 -16.50
CA PHE B 290 3.90 -17.35 -15.36
C PHE B 290 2.39 -17.45 -15.24
N ILE B 291 1.91 -18.64 -14.89
CA ILE B 291 0.48 -18.87 -14.67
C ILE B 291 0.37 -19.53 -13.31
N PHE B 292 -0.41 -18.93 -12.42
CA PHE B 292 -0.62 -19.47 -11.09
C PHE B 292 -2.07 -19.93 -10.97
N HIS B 293 -2.25 -21.14 -10.49
CA HIS B 293 -3.56 -21.72 -10.22
C HIS B 293 -3.69 -21.79 -8.70
N ASP B 294 -4.33 -20.76 -8.11
CA ASP B 294 -4.51 -20.69 -6.66
C ASP B 294 -5.53 -21.70 -6.13
N ASN B 295 -6.30 -22.37 -6.98
CA ASN B 295 -7.21 -23.40 -6.52
C ASN B 295 -6.44 -24.58 -5.92
N ASN B 296 -5.43 -25.07 -6.64
CA ASN B 296 -4.66 -26.25 -6.21
C ASN B 296 -3.18 -25.94 -6.03
N ASN B 297 -2.80 -24.67 -5.94
CA ASN B 297 -1.42 -24.26 -5.71
C ASN B 297 -0.46 -24.94 -6.69
N THR B 298 -0.82 -24.91 -7.97
CA THR B 298 0.06 -25.36 -9.03
C THR B 298 0.41 -24.14 -9.89
N TRP B 299 1.53 -24.25 -10.60
CA TRP B 299 2.07 -23.14 -11.35
C TRP B 299 2.65 -23.66 -12.66
N GLU B 300 2.63 -22.78 -13.66
CA GLU B 300 3.26 -23.05 -14.94
C GLU B 300 4.15 -21.88 -15.30
N GLY B 301 5.25 -22.16 -15.97
CA GLY B 301 6.14 -21.12 -16.43
C GLY B 301 6.64 -21.36 -17.84
N HIS B 302 6.60 -20.32 -18.67
CA HIS B 302 7.23 -20.31 -19.97
C HIS B 302 8.44 -19.39 -19.93
N TYR B 303 9.58 -19.86 -20.43
CA TYR B 303 10.81 -19.08 -20.43
C TYR B 303 11.32 -18.96 -21.86
N TYR B 304 10.99 -17.84 -22.52
CA TYR B 304 11.37 -17.63 -23.90
C TYR B 304 12.74 -16.97 -23.94
N HIS B 305 13.69 -17.67 -24.53
CA HIS B 305 15.09 -17.18 -24.58
C HIS B 305 15.38 -16.58 -25.95
N TYR B 306 16.24 -15.56 -25.97
CA TYR B 306 16.56 -14.85 -27.23
C TYR B 306 18.05 -14.51 -27.23
N SER B 307 18.57 -14.07 -28.38
CA SER B 307 20.00 -13.74 -28.52
C SER B 307 20.16 -12.23 -28.68
N ASP B 308 19.06 -11.53 -28.89
CA ASP B 308 19.11 -10.07 -29.16
C ASP B 308 18.50 -9.31 -27.99
N PRO B 309 18.99 -8.08 -27.68
CA PRO B 309 18.45 -7.30 -26.55
C PRO B 309 17.03 -6.79 -26.75
N VAL B 310 16.42 -6.97 -27.91
CA VAL B 310 15.00 -6.62 -28.05
C VAL B 310 14.12 -7.85 -28.18
N CYS B 311 14.68 -9.04 -27.94
CA CYS B 311 13.90 -10.27 -27.82
C CYS B 311 13.06 -10.51 -29.07
N LYS B 312 13.74 -10.48 -30.22
CA LYS B 312 13.16 -10.76 -31.53
C LYS B 312 13.77 -11.98 -32.20
N HIS B 313 14.93 -12.46 -31.75
CA HIS B 313 15.60 -13.64 -32.28
C HIS B 313 15.49 -14.78 -31.28
N PRO B 314 14.49 -15.65 -31.38
CA PRO B 314 14.35 -16.70 -30.37
C PRO B 314 15.49 -17.70 -30.52
N THR B 315 15.81 -18.35 -29.42
CA THR B 315 16.89 -19.36 -29.42
C THR B 315 16.28 -20.68 -28.97
N PHE B 316 15.71 -20.72 -27.78
CA PHE B 316 15.03 -21.91 -27.29
C PHE B 316 14.01 -21.45 -26.26
N THR B 317 13.05 -22.32 -25.98
CA THR B 317 11.99 -22.03 -25.04
C THR B 317 11.90 -23.17 -24.04
N ILE B 318 11.67 -22.82 -22.78
CA ILE B 318 11.56 -23.81 -21.72
C ILE B 318 10.21 -23.68 -21.04
N TYR B 319 9.52 -24.80 -20.86
CA TYR B 319 8.26 -24.87 -20.15
C TYR B 319 8.44 -25.69 -18.88
N ALA B 320 7.94 -25.19 -17.77
CA ALA B 320 8.00 -25.90 -16.50
C ALA B 320 6.64 -25.83 -15.82
N ARG B 321 6.33 -26.90 -15.08
CA ARG B 321 5.08 -27.00 -14.34
C ARG B 321 5.38 -27.75 -13.05
N GLY B 322 4.68 -27.36 -11.98
CA GLY B 322 4.78 -28.04 -10.71
C GLY B 322 3.85 -27.45 -9.68
N ARG B 323 4.29 -27.43 -8.42
CA ARG B 323 3.50 -26.95 -7.31
C ARG B 323 4.31 -25.89 -6.57
N TYR B 324 3.59 -25.04 -5.84
CA TYR B 324 4.22 -24.03 -5.00
C TYR B 324 3.52 -23.99 -3.65
N SER B 325 4.26 -23.53 -2.65
CA SER B 325 3.77 -23.46 -1.28
C SER B 325 3.00 -22.17 -1.05
N ARG B 326 2.46 -22.01 0.16
CA ARG B 326 1.90 -20.71 0.48
C ARG B 326 3.02 -19.81 0.96
N GLY B 327 2.74 -18.51 0.97
CA GLY B 327 3.75 -17.55 1.33
C GLY B 327 3.95 -17.46 2.82
N VAL B 328 5.21 -17.33 3.22
CA VAL B 328 5.58 -17.04 4.60
C VAL B 328 6.48 -15.79 4.58
N LEU B 329 6.15 -14.83 5.42
CA LEU B 329 6.89 -13.57 5.46
C LEU B 329 8.35 -13.80 5.85
N SER B 330 9.24 -13.13 5.13
CA SER B 330 10.68 -13.30 5.32
C SER B 330 11.16 -12.57 6.57
N SER B 331 12.09 -13.20 7.29
CA SER B 331 12.78 -12.54 8.39
C SER B 331 14.09 -11.92 7.93
N LYS B 332 14.50 -12.16 6.70
CA LYS B 332 15.73 -11.63 6.14
C LYS B 332 15.50 -10.42 5.24
N VAL B 333 14.46 -10.46 4.41
CA VAL B 333 14.14 -9.39 3.48
C VAL B 333 12.80 -8.79 3.88
N MET B 334 12.83 -7.58 4.45
CA MET B 334 11.60 -6.87 4.76
C MET B 334 10.84 -6.62 3.47
N GLY B 335 9.55 -6.89 3.49
CA GLY B 335 8.74 -6.77 2.29
C GLY B 335 8.70 -8.02 1.46
N GLY B 336 9.55 -9.01 1.75
CA GLY B 336 9.60 -10.25 1.00
C GLY B 336 8.71 -11.34 1.58
N THR B 337 8.31 -12.26 0.71
CA THR B 337 7.53 -13.43 1.12
C THR B 337 8.22 -14.68 0.59
N GLU B 338 8.57 -15.59 1.49
CA GLU B 338 9.26 -16.82 1.11
C GLU B 338 8.27 -17.85 0.57
N PHE B 339 8.68 -18.51 -0.51
CA PHE B 339 7.88 -19.51 -1.21
C PHE B 339 8.79 -20.68 -1.56
N VAL B 340 8.20 -21.87 -1.63
CA VAL B 340 8.87 -23.06 -2.14
C VAL B 340 8.19 -23.44 -3.44
N PHE B 341 8.99 -23.63 -4.49
CA PHE B 341 8.50 -24.05 -5.80
C PHE B 341 9.11 -25.38 -6.15
N LYS B 342 8.30 -26.29 -6.72
CA LYS B 342 8.80 -27.57 -7.17
C LYS B 342 8.44 -27.74 -8.63
N VAL B 343 9.44 -28.06 -9.46
CA VAL B 343 9.24 -28.40 -10.86
C VAL B 343 9.14 -29.91 -10.98
N ASN B 344 8.03 -30.39 -11.52
CA ASN B 344 7.81 -31.80 -11.77
C ASN B 344 7.88 -32.18 -13.23
N HIS B 345 7.46 -31.28 -14.12
CA HIS B 345 7.41 -31.52 -15.56
C HIS B 345 8.14 -30.43 -16.31
N MET B 346 8.79 -30.79 -17.41
CA MET B 346 9.54 -29.82 -18.19
C MET B 346 9.49 -30.21 -19.66
N LYS B 347 9.33 -29.20 -20.53
CA LYS B 347 9.37 -29.40 -21.97
C LYS B 347 10.33 -28.37 -22.56
N VAL B 348 10.98 -28.75 -23.66
CA VAL B 348 11.96 -27.88 -24.33
C VAL B 348 11.53 -27.70 -25.78
N THR B 349 11.63 -26.46 -26.26
CA THR B 349 11.35 -26.11 -27.66
C THR B 349 12.54 -25.43 -28.32
N PRO B 350 13.28 -26.10 -29.21
CA PRO B 350 14.33 -25.40 -29.97
C PRO B 350 13.72 -24.34 -30.86
N MET B 351 14.37 -23.20 -30.98
CA MET B 351 13.84 -22.12 -31.80
C MET B 351 14.79 -21.71 -32.91
N ASP B 352 15.93 -22.37 -33.06
CA ASP B 352 16.77 -22.15 -34.21
C ASP B 352 17.52 -23.44 -34.52
N ALA B 353 18.13 -23.50 -35.72
CA ALA B 353 18.72 -24.74 -36.19
C ALA B 353 19.84 -25.22 -35.28
N ALA B 354 20.70 -24.30 -34.83
CA ALA B 354 21.83 -24.68 -33.97
C ALA B 354 21.34 -25.36 -32.70
N THR B 355 20.22 -24.87 -32.14
CA THR B 355 19.68 -25.44 -30.91
C THR B 355 19.22 -26.88 -31.10
N ALA B 356 18.40 -27.11 -32.13
CA ALA B 356 17.93 -28.46 -32.39
C ALA B 356 19.11 -29.38 -32.69
N SER B 357 20.04 -28.91 -33.52
CA SER B 357 21.21 -29.70 -33.86
C SER B 357 21.97 -30.12 -32.61
N LEU B 358 22.26 -29.17 -31.72
CA LEU B 358 22.97 -29.48 -30.49
C LEU B 358 22.24 -30.52 -29.65
N LEU B 359 20.92 -30.37 -29.51
CA LEU B 359 20.14 -31.29 -28.70
C LEU B 359 20.16 -32.70 -29.28
N ASN B 360 20.10 -32.81 -30.61
CA ASN B 360 20.09 -34.13 -31.24
C ASN B 360 21.42 -34.83 -31.06
N VAL B 361 22.52 -34.09 -31.16
CA VAL B 361 23.85 -34.69 -31.05
C VAL B 361 24.05 -35.30 -29.67
N PHE B 362 23.60 -34.62 -28.62
CA PHE B 362 23.84 -35.11 -27.27
C PHE B 362 22.72 -36.00 -26.73
N SER B 363 21.59 -36.05 -27.40
CA SER B 363 20.56 -37.05 -27.09
C SER B 363 20.47 -37.96 -28.31
N GLY B 364 21.48 -38.81 -28.47
CA GLY B 364 21.50 -39.64 -29.66
C GLY B 364 21.18 -41.08 -29.32
N ASN B 365 22.01 -41.71 -28.49
CA ASN B 365 21.76 -43.10 -28.20
C ASN B 365 20.93 -43.30 -26.96
N GLU B 366 20.79 -42.26 -26.13
CA GLU B 366 20.60 -42.46 -24.72
C GLU B 366 19.14 -42.28 -24.38
N CYS B 367 18.82 -41.45 -23.39
CA CYS B 367 17.42 -41.31 -23.02
C CYS B 367 16.73 -40.32 -23.95
N SER B 372 14.20 -36.92 -31.27
CA SER B 372 14.21 -36.20 -32.54
C SER B 372 13.83 -34.74 -32.40
N TRP B 373 14.79 -33.92 -31.97
CA TRP B 373 14.53 -32.50 -31.79
C TRP B 373 14.38 -31.78 -33.12
N GLN B 374 13.40 -30.88 -33.19
CA GLN B 374 13.13 -30.11 -34.40
C GLN B 374 12.83 -28.67 -34.04
N VAL B 375 13.19 -27.76 -34.94
CA VAL B 375 12.98 -26.34 -34.73
C VAL B 375 11.49 -26.05 -34.55
N GLY B 376 11.15 -25.39 -33.44
CA GLY B 376 9.80 -24.94 -33.19
C GLY B 376 8.87 -25.94 -32.53
N ILE B 377 9.28 -27.21 -32.44
CA ILE B 377 8.42 -28.27 -31.91
C ILE B 377 8.79 -28.51 -30.47
N GLN B 378 7.80 -28.38 -29.57
CA GLN B 378 8.01 -28.66 -28.16
C GLN B 378 8.11 -30.16 -27.91
N GLN B 379 8.95 -30.55 -26.96
CA GLN B 379 9.15 -31.97 -26.66
C GLN B 379 9.39 -32.12 -25.17
N ASP B 380 8.73 -33.10 -24.57
CA ASP B 380 8.90 -33.39 -23.15
C ASP B 380 10.26 -34.03 -22.88
N VAL B 381 10.81 -33.74 -21.70
CA VAL B 381 12.06 -34.35 -21.28
C VAL B 381 11.86 -35.48 -20.27
N THR B 382 10.71 -35.55 -19.59
CA THR B 382 10.41 -36.67 -18.70
C THR B 382 9.77 -37.78 -19.54
N HIS B 383 10.56 -38.79 -19.87
CA HIS B 383 10.12 -39.88 -20.72
C HIS B 383 9.63 -41.06 -19.87
N THR B 384 9.60 -42.23 -20.51
CA THR B 384 9.08 -43.46 -19.95
C THR B 384 9.88 -43.83 -18.70
N ASN B 385 9.26 -44.58 -17.79
CA ASN B 385 9.95 -45.11 -16.61
C ASN B 385 10.55 -44.03 -15.72
N GLY B 386 10.29 -42.75 -16.00
CA GLY B 386 10.96 -41.71 -15.27
C GLY B 386 12.28 -41.32 -15.89
N CYS B 387 12.55 -41.77 -17.11
CA CYS B 387 13.81 -41.49 -17.80
C CYS B 387 13.86 -40.01 -18.17
N VAL B 388 14.69 -39.25 -17.46
CA VAL B 388 14.83 -37.82 -17.69
C VAL B 388 15.98 -37.57 -18.64
N ALA B 389 15.70 -36.82 -19.70
CA ALA B 389 16.65 -36.54 -20.78
C ALA B 389 17.53 -35.35 -20.47
N LEU B 390 18.64 -35.26 -21.21
CA LEU B 390 19.59 -34.14 -21.18
C LEU B 390 20.22 -33.92 -19.81
N GLY B 391 20.23 -34.96 -18.97
CA GLY B 391 20.77 -34.86 -17.63
C GLY B 391 19.94 -34.03 -16.70
N ILE B 392 18.74 -33.64 -17.11
CA ILE B 392 17.83 -32.89 -16.26
C ILE B 392 17.39 -33.77 -15.11
N LYS B 393 17.41 -33.22 -13.91
CA LYS B 393 16.93 -33.93 -12.72
C LYS B 393 15.55 -33.40 -12.38
N LEU B 394 14.53 -34.23 -12.58
CA LEU B 394 13.17 -33.93 -12.18
C LEU B 394 12.71 -34.98 -11.17
N PRO B 395 12.19 -34.57 -10.01
CA PRO B 395 11.75 -33.20 -9.65
C PRO B 395 12.85 -32.26 -9.18
N HIS B 396 12.54 -30.97 -9.17
CA HIS B 396 13.42 -29.86 -8.76
C HIS B 396 12.72 -28.98 -7.75
N THR B 397 13.38 -28.67 -6.64
CA THR B 397 12.80 -27.75 -5.67
C THR B 397 13.67 -26.50 -5.60
N GLU B 398 13.03 -25.34 -5.67
CA GLU B 398 13.72 -24.06 -5.53
C GLU B 398 13.09 -23.25 -4.40
N TYR B 399 13.94 -22.55 -3.67
CA TYR B 399 13.52 -21.73 -2.55
C TYR B 399 13.51 -20.28 -3.02
N GLU B 400 12.33 -19.69 -3.07
CA GLU B 400 12.09 -18.42 -3.73
C GLU B 400 11.72 -17.32 -2.75
N ILE B 401 11.85 -16.08 -3.24
CA ILE B 401 11.34 -14.90 -2.55
C ILE B 401 10.53 -14.09 -3.56
N PHE B 402 9.37 -13.59 -3.12
CA PHE B 402 8.46 -12.84 -3.97
C PHE B 402 8.01 -11.55 -3.30
N LYS B 403 7.69 -10.56 -4.13
CA LYS B 403 7.01 -9.37 -3.66
C LYS B 403 6.13 -8.86 -4.78
N MET B 404 5.06 -8.16 -4.39
CA MET B 404 4.15 -7.52 -5.31
C MET B 404 4.05 -6.05 -4.95
N GLU B 405 4.15 -5.20 -5.96
CA GLU B 405 3.94 -3.77 -5.80
C GLU B 405 2.85 -3.31 -6.75
N GLN B 406 2.47 -2.05 -6.59
CA GLN B 406 1.50 -1.40 -7.44
C GLN B 406 2.06 -0.01 -7.72
N ASP B 407 1.89 0.48 -8.95
CA ASP B 407 2.39 1.81 -9.28
C ASP B 407 1.29 2.87 -9.16
N THR B 408 1.49 4.02 -9.82
CA THR B 408 0.68 5.24 -9.64
C THR B 408 -0.76 5.15 -10.19
N ARG B 409 -1.03 5.13 -11.51
CA ARG B 409 -2.31 4.51 -11.91
C ARG B 409 -2.25 2.98 -12.00
N GLY B 410 -1.85 2.40 -10.85
CA GLY B 410 -2.63 1.35 -10.23
C GLY B 410 -2.33 -0.05 -10.70
N ARG B 411 -1.21 -0.22 -11.36
CA ARG B 411 -0.83 -1.35 -12.16
C ARG B 411 -0.06 -2.33 -11.29
N TYR B 412 -0.37 -3.62 -11.35
CA TYR B 412 0.31 -4.52 -10.45
C TYR B 412 1.61 -5.06 -11.05
N LEU B 413 2.61 -5.22 -10.18
CA LEU B 413 3.94 -5.67 -10.57
C LEU B 413 4.38 -6.81 -9.64
N LEU B 414 4.85 -7.92 -10.23
CA LEU B 414 5.28 -9.08 -9.46
C LEU B 414 6.79 -9.31 -9.61
N PHE B 415 7.50 -9.35 -8.49
CA PHE B 415 8.94 -9.56 -8.48
C PHE B 415 9.26 -10.92 -7.88
N ASN B 416 10.12 -11.71 -8.52
CA ASN B 416 10.63 -12.92 -7.86
C ASN B 416 12.14 -12.80 -7.68
N GLY B 417 12.72 -13.83 -7.06
CA GLY B 417 14.09 -13.72 -6.57
C GLY B 417 15.11 -13.55 -7.69
N GLN B 418 16.09 -12.70 -7.44
CA GLN B 418 17.21 -12.58 -8.38
C GLN B 418 17.94 -13.92 -8.47
N ARG B 419 18.18 -14.36 -9.71
CA ARG B 419 18.96 -15.58 -9.92
C ARG B 419 20.39 -15.36 -9.43
N PRO B 420 20.99 -16.35 -8.77
CA PRO B 420 22.39 -16.23 -8.33
C PRO B 420 23.31 -15.94 -9.51
N SER B 421 24.30 -15.09 -9.27
CA SER B 421 25.09 -14.55 -10.36
C SER B 421 25.89 -15.63 -11.08
N ASP B 422 26.22 -16.74 -10.40
CA ASP B 422 26.98 -17.82 -11.03
C ASP B 422 26.12 -18.72 -11.91
N GLY B 423 24.80 -18.60 -11.86
CA GLY B 423 23.93 -19.44 -12.63
C GLY B 423 23.38 -20.63 -11.87
N SER B 424 23.85 -20.87 -10.65
CA SER B 424 23.35 -21.98 -9.87
C SER B 424 21.88 -21.75 -9.49
N SER B 425 21.26 -22.82 -9.04
CA SER B 425 19.86 -22.77 -8.64
C SER B 425 19.74 -22.57 -7.14
N PRO B 426 18.77 -21.79 -6.64
CA PRO B 426 18.56 -21.70 -5.19
C PRO B 426 17.85 -22.93 -4.64
N ASP B 427 18.56 -24.04 -4.58
CA ASP B 427 17.93 -25.33 -4.38
C ASP B 427 17.71 -25.71 -2.92
N ARG B 428 18.18 -24.92 -1.96
CA ARG B 428 18.26 -25.26 -0.56
C ARG B 428 17.88 -23.97 0.16
N PRO B 429 17.25 -23.98 1.34
CA PRO B 429 16.70 -22.72 1.90
C PRO B 429 17.71 -21.60 2.10
N GLU B 430 18.96 -21.95 2.39
CA GLU B 430 20.00 -20.97 2.65
C GLU B 430 20.45 -20.27 1.38
N LYS B 431 20.10 -20.79 0.20
CA LYS B 431 20.42 -20.15 -1.06
C LYS B 431 19.29 -19.27 -1.57
N ARG B 432 18.23 -19.08 -0.78
CA ARG B 432 17.16 -18.19 -1.19
C ARG B 432 17.70 -16.78 -1.40
N ALA B 433 17.23 -16.14 -2.46
CA ALA B 433 17.72 -14.81 -2.83
C ALA B 433 17.35 -13.78 -1.76
N THR B 434 18.15 -12.72 -1.70
CA THR B 434 17.81 -11.56 -0.88
C THR B 434 17.60 -10.32 -1.73
N SER B 435 17.42 -10.48 -3.04
CA SER B 435 17.11 -9.39 -3.95
C SER B 435 16.18 -9.93 -5.02
N TYR B 436 15.79 -9.08 -5.99
CA TYR B 436 14.73 -9.45 -6.93
C TYR B 436 15.12 -9.21 -8.38
N GLN B 437 14.39 -9.90 -9.26
CA GLN B 437 14.51 -9.71 -10.70
C GLN B 437 13.66 -8.51 -11.14
N MET B 438 13.77 -8.14 -12.42
CA MET B 438 12.88 -7.14 -12.96
C MET B 438 11.43 -7.64 -12.87
N PRO B 439 10.48 -6.75 -12.64
CA PRO B 439 9.11 -7.17 -12.34
C PRO B 439 8.37 -7.71 -13.54
N LEU B 440 7.42 -8.60 -13.25
CA LEU B 440 6.38 -8.99 -14.20
C LEU B 440 5.16 -8.11 -14.07
N VAL B 441 4.43 -7.99 -15.18
CA VAL B 441 3.18 -7.24 -15.21
C VAL B 441 2.05 -8.22 -15.39
N GLN B 442 0.89 -7.86 -14.88
CA GLN B 442 -0.25 -8.74 -14.92
C GLN B 442 -0.92 -8.77 -16.28
N CYS B 443 -1.24 -9.97 -16.73
CA CYS B 443 -2.01 -10.16 -17.96
C CYS B 443 -3.12 -11.17 -17.69
C1 NAG C . -33.48 8.47 -14.31
C2 NAG C . -33.76 7.00 -14.44
C3 NAG C . -32.45 6.28 -14.77
C4 NAG C . -31.67 7.01 -15.86
C5 NAG C . -31.60 8.51 -15.59
C6 NAG C . -30.85 9.24 -16.70
C7 NAG C . -34.15 5.40 -12.57
C8 NAG C . -35.16 4.32 -12.81
N2 NAG C . -34.36 6.54 -13.19
O3 NAG C . -32.73 4.97 -15.27
O4 NAG C . -30.35 6.47 -15.89
O5 NAG C . -32.92 9.02 -15.50
O6 NAG C . -30.54 10.57 -16.25
O7 NAG C . -33.20 5.22 -11.83
C1 NAG D . -36.72 -23.57 2.24
C2 NAG D . -38.22 -23.68 1.83
C3 NAG D . -38.49 -25.05 1.20
C4 NAG D . -37.46 -25.42 0.15
C5 NAG D . -36.05 -25.24 0.70
C6 NAG D . -34.97 -25.48 -0.33
C7 NAG D . -38.93 -23.25 4.23
C8 NAG D . -40.15 -23.12 5.10
N2 NAG D . -39.17 -23.45 2.92
O3 NAG D . -39.79 -25.06 0.63
O4 NAG D . -37.62 -26.79 -0.21
O5 NAG D . -35.90 -23.88 1.13
O6 NAG D . -34.91 -24.44 -1.28
O7 NAG D . -37.79 -23.15 4.70
C1 NAG E . 5.15 7.96 31.94
C2 NAG E . 4.86 8.81 33.20
C3 NAG E . 4.63 10.26 32.81
C4 NAG E . 5.80 10.79 31.96
C5 NAG E . 6.04 9.87 30.78
C6 NAG E . 7.25 10.26 29.97
C7 NAG E . 3.82 7.51 35.00
C8 NAG E . 2.53 7.08 35.63
N2 NAG E . 3.71 8.30 33.92
O3 NAG E . 4.49 11.04 33.99
O4 NAG E . 5.48 12.09 31.46
O5 NAG E . 6.25 8.52 31.23
O6 NAG E . 7.23 9.66 28.69
O7 NAG E . 4.91 7.15 35.44
C1 GOL F . -17.49 12.79 25.31
O1 GOL F . -17.46 12.46 23.94
C2 GOL F . -16.02 12.90 25.83
O2 GOL F . -15.29 13.73 25.05
C3 GOL F . -15.42 11.47 25.96
O3 GOL F . -14.10 11.64 26.43
CL CL G . -12.39 8.64 21.73
C1 NAG H . 34.61 18.71 -13.95
C2 NAG H . 35.60 19.37 -13.02
C3 NAG H . 34.99 19.47 -11.64
C4 NAG H . 33.63 20.14 -11.70
C5 NAG H . 32.75 19.46 -12.74
C6 NAG H . 31.42 20.18 -12.89
C7 NAG H . 37.90 18.91 -13.73
C8 NAG H . 39.11 18.08 -13.45
N2 NAG H . 36.84 18.63 -12.96
O3 NAG H . 35.87 20.25 -10.82
O4 NAG H . 32.99 20.05 -10.43
O5 NAG H . 33.41 19.46 -14.00
O6 NAG H . 31.62 21.47 -13.46
O7 NAG H . 37.88 19.76 -14.59
C1 NAG I . 41.56 0.87 15.61
C2 NAG I . 41.21 1.03 17.08
C3 NAG I . 42.48 1.08 17.93
C4 NAG I . 43.37 -0.11 17.64
C5 NAG I . 43.62 -0.25 16.14
C6 NAG I . 44.42 -1.49 15.76
C7 NAG I . 39.12 2.25 17.57
C8 NAG I . 38.50 3.60 17.76
N2 NAG I . 40.42 2.25 17.29
O3 NAG I . 42.12 1.10 19.31
O4 NAG I . 44.63 0.05 18.30
O5 NAG I . 42.38 -0.31 15.42
O6 NAG I . 43.81 -2.69 16.23
O7 NAG I . 38.47 1.22 17.69
C1 NAG J . -4.91 -27.55 -11.00
C2 NAG J . -4.86 -28.86 -11.78
C3 NAG J . -4.75 -28.58 -13.29
C4 NAG J . -5.81 -27.58 -13.74
C5 NAG J . -5.75 -26.33 -12.87
C6 NAG J . -6.77 -25.28 -13.21
C7 NAG J . -3.84 -30.68 -10.48
C8 NAG J . -2.57 -31.41 -10.14
N2 NAG J . -3.73 -29.68 -11.35
O3 NAG J . -4.89 -29.82 -13.99
O4 NAG J . -5.59 -27.21 -15.09
O5 NAG J . -5.96 -26.71 -11.50
O6 NAG J . -8.08 -25.80 -13.27
O7 NAG J . -4.92 -31.00 -9.98
C1 GOL K . 14.97 -22.20 -16.17
O1 GOL K . 13.72 -22.05 -15.54
C2 GOL K . 15.63 -20.79 -16.28
O2 GOL K . 17.01 -20.90 -16.43
C3 GOL K . 15.01 -20.17 -17.54
O3 GOL K . 15.12 -21.15 -18.52
C1 GOL L . 26.33 -16.23 -5.76
O1 GOL L . 25.59 -16.45 -4.59
C2 GOL L . 27.38 -17.33 -5.86
O2 GOL L . 26.83 -18.60 -5.84
C3 GOL L . 28.16 -17.00 -7.12
O3 GOL L . 29.20 -17.93 -7.22
CL CL M . 12.65 -16.92 -12.79
#